data_7MLK
#
_entry.id   7MLK
#
_cell.length_a   58.849
_cell.length_b   134.794
_cell.length_c   141.950
_cell.angle_alpha   90.000
_cell.angle_beta   90.000
_cell.angle_gamma   90.000
#
_symmetry.space_group_name_H-M   'P 21 21 21'
#
loop_
_entity.id
_entity.type
_entity.pdbx_description
1 polymer 'Phosphatidylinositol 4,5-bisphosphate 3-kinase catalytic subunit alpha isoform'
2 non-polymer 4-[6-(3,4,5-trimethoxyanilino)pyrazin-2-yl]benzamide
#
_entity_poly.entity_id   1
_entity_poly.type   'polypeptide(L)'
_entity_poly.pdbx_seq_one_letter_code
;MASHHHHHHDYDGATTENLYFQGSVGNREEKILNREIGFAIGMPVCEFDMVKDPEVQDFRRNILNVCKEAVDLRDLNSPH
SRAMYVYPPNVESSPELPKHIYNKLDKGQIIVVIWVIVSPNNDKQKYTLKINHDCVPEQVIAEAIRKKTRSMLLSSEQLK
LCVLEYQGKYILKVCGCDEYFLEKYPLSQYKYIRSCIMLGRMPNLMLMAKESLYSQLPMDCFTMPSYSRRISTATPYMNG
ETSTKSLWVINSALRIKILCATYVNVNIRDIDKIYVRTGIYHGGEPLCDNVNTQRVPCSNPRWNEWLNYDIYIPDLPRAA
RLCLSICSVKGRKGAKEEHCPLAWGNINLFDYTDTLVSGKMALNLWPVPHGLEDLLNPIGVTGSNPNKETPCLELEFDWF
SSVVKFPDMSVIEEHANWSVSREAGFSYSHAGLSNRLARDNELRENDKEQLKAISTRDPLSEITEQEKDFLWSHRHYCVT
IPEILPKLLLSVKWNSRDEVAQMYCLVKDWPPIKPEQAMELLDCNYPDPMVRGFAVRCLEKYLTDDKLSQYLIQLVQVLK
YEQYLDNLLVRFLLKKALTNQRIGHFFFWHLKSEMHNKTVSQRFGLLLESYCRACGMYLKHLNRQVEAMEKLINLTDILK
QEKKDETQKVQMKFLVEQMRRPDFMDALQGFLSPLNPAHQLGNLRLEECRIMSSAKRPLWLNWENPDIMSELLFQNNEII
FKNGDDLRQDMLTLQIIRIMENIWQNQGLDLRMLPYGCLSIGDCVGLIEVVRNSHTIMQIQCKGGLKGALQFNSHTLHQW
LKDKNKGEIYDAAIDLFTRSCAGYCVATFILGIGDRHNSNIMVKDDGQLFHIDFGHFLDHKKKKFGYKRERVPFVLTQDF
LIVISKGAQECTKTREFERFQEMCYKAYLAIRQHANLFINLFSMMLGSGMPELQSFDDIAYIRKTLALDKTEQEALEYFM
KQMNDAHH
;
_entity_poly.pdbx_strand_id   A
#
loop_
_chem_comp.id
_chem_comp.type
_chem_comp.name
_chem_comp.formula
ZHY non-polymer 4-[6-(3,4,5-trimethoxyanilino)pyrazin-2-yl]benzamide 'C20 H20 N4 O4'
#
# COMPACT_ATOMS: atom_id res chain seq x y z
N ASN A 27 -9.41 24.02 27.14
CA ASN A 27 -8.26 24.22 28.03
C ASN A 27 -7.04 24.82 27.27
N ARG A 28 -5.95 25.16 27.99
CA ARG A 28 -4.69 25.68 27.44
C ARG A 28 -3.93 24.56 26.70
N GLU A 29 -3.89 23.34 27.29
CA GLU A 29 -3.27 22.12 26.74
C GLU A 29 -3.87 21.76 25.38
N GLU A 30 -5.23 21.73 25.28
CA GLU A 30 -6.03 21.42 24.08
C GLU A 30 -5.79 22.44 22.98
N LYS A 31 -5.90 23.74 23.33
CA LYS A 31 -5.69 24.87 22.42
C LYS A 31 -4.33 24.71 21.71
N ILE A 32 -3.27 24.46 22.50
CA ILE A 32 -1.90 24.26 22.03
C ILE A 32 -1.82 23.05 21.10
N LEU A 33 -2.46 21.94 21.49
CA LEU A 33 -2.50 20.70 20.73
C LEU A 33 -3.17 20.82 19.35
N ASN A 34 -4.32 21.48 19.24
CA ASN A 34 -5.07 21.63 17.99
C ASN A 34 -4.37 22.51 16.94
N ARG A 35 -3.39 23.31 17.42
CA ARG A 35 -2.53 24.17 16.62
C ARG A 35 -1.46 23.25 16.01
N GLU A 36 -1.01 22.26 16.81
CA GLU A 36 0.01 21.27 16.46
C GLU A 36 -0.53 20.21 15.55
N ILE A 37 -1.72 19.64 15.87
CA ILE A 37 -2.41 18.62 15.06
C ILE A 37 -2.66 19.29 13.71
N GLY A 38 -3.23 20.49 13.76
CA GLY A 38 -3.55 21.33 12.62
C GLY A 38 -2.39 21.58 11.68
N PHE A 39 -1.20 21.76 12.27
CA PHE A 39 0.04 21.97 11.52
C PHE A 39 0.37 20.72 10.69
N ALA A 40 0.47 19.55 11.36
CA ALA A 40 0.77 18.25 10.73
C ALA A 40 -0.27 17.82 9.70
N ILE A 41 -1.56 18.06 9.97
CA ILE A 41 -2.67 17.67 9.10
C ILE A 41 -2.78 18.52 7.82
N GLY A 42 -2.24 19.73 7.87
CA GLY A 42 -2.34 20.68 6.78
C GLY A 42 -3.49 21.66 6.92
N MET A 43 -4.59 21.25 7.60
CA MET A 43 -5.79 22.06 7.85
C MET A 43 -6.05 22.21 9.36
N PRO A 44 -6.68 23.33 9.85
CA PRO A 44 -6.91 23.45 11.31
C PRO A 44 -8.11 22.64 11.81
N VAL A 45 -7.92 22.04 13.00
CA VAL A 45 -8.87 21.20 13.77
C VAL A 45 -10.28 21.79 13.85
N CYS A 46 -10.39 23.12 14.08
CA CYS A 46 -11.65 23.87 14.19
C CYS A 46 -12.52 23.81 12.92
N GLU A 47 -11.95 23.48 11.76
CA GLU A 47 -12.75 23.30 10.56
C GLU A 47 -13.65 22.07 10.80
N PHE A 48 -13.08 20.99 11.40
CA PHE A 48 -13.82 19.76 11.75
C PHE A 48 -14.93 20.06 12.78
N ASP A 49 -14.69 21.04 13.71
CA ASP A 49 -15.63 21.46 14.75
C ASP A 49 -16.90 22.01 14.11
N MET A 50 -16.73 22.93 13.12
CA MET A 50 -17.78 23.62 12.37
C MET A 50 -18.52 22.75 11.33
N VAL A 51 -18.11 21.48 11.15
CA VAL A 51 -18.74 20.55 10.22
C VAL A 51 -19.97 19.95 10.89
N LYS A 52 -21.14 20.18 10.30
CA LYS A 52 -22.37 19.63 10.84
C LYS A 52 -22.92 18.57 9.88
N ASP A 53 -22.47 17.35 10.11
CA ASP A 53 -22.83 16.08 9.44
C ASP A 53 -22.81 15.05 10.59
N PRO A 54 -23.93 14.31 10.81
CA PRO A 54 -23.96 13.38 11.97
C PRO A 54 -22.75 12.46 12.01
N GLU A 55 -22.47 11.77 10.88
CA GLU A 55 -21.35 10.84 10.66
C GLU A 55 -19.97 11.40 11.05
N VAL A 56 -19.66 12.65 10.70
CA VAL A 56 -18.38 13.27 10.98
C VAL A 56 -18.14 13.47 12.50
N GLN A 57 -19.13 14.05 13.21
CA GLN A 57 -19.02 14.28 14.65
C GLN A 57 -19.12 12.99 15.44
N ASP A 58 -19.90 12.02 14.90
CA ASP A 58 -20.03 10.68 15.45
C ASP A 58 -18.70 9.95 15.27
N PHE A 59 -18.07 10.01 14.07
CA PHE A 59 -16.74 9.43 13.85
C PHE A 59 -15.78 10.10 14.82
N ARG A 60 -15.73 11.45 14.83
CA ARG A 60 -14.81 12.19 15.70
C ARG A 60 -14.82 11.66 17.12
N ARG A 61 -16.04 11.42 17.69
CA ARG A 61 -16.23 10.91 19.04
C ARG A 61 -15.98 9.41 19.22
N ASN A 62 -16.62 8.57 18.38
CA ASN A 62 -16.58 7.11 18.44
C ASN A 62 -15.21 6.44 18.31
N ILE A 63 -14.31 7.03 17.55
CA ILE A 63 -12.98 6.48 17.31
C ILE A 63 -12.00 6.65 18.52
N LEU A 64 -12.40 7.42 19.54
CA LEU A 64 -11.53 7.69 20.69
C LEU A 64 -11.29 6.45 21.58
N ASN A 65 -12.16 5.43 21.48
CA ASN A 65 -11.97 4.21 22.26
C ASN A 65 -10.81 3.42 21.70
N VAL A 66 -10.61 3.45 20.37
CA VAL A 66 -9.47 2.83 19.67
C VAL A 66 -8.21 3.52 20.22
N CYS A 67 -8.26 4.85 20.36
CA CYS A 67 -7.17 5.67 20.90
C CYS A 67 -6.82 5.28 22.32
N LYS A 68 -7.86 5.13 23.17
CA LYS A 68 -7.76 4.70 24.57
C LYS A 68 -7.13 3.30 24.59
N GLU A 69 -7.77 2.31 23.89
CA GLU A 69 -7.31 0.93 23.76
C GLU A 69 -5.81 0.87 23.44
N ALA A 70 -5.37 1.61 22.39
CA ALA A 70 -3.99 1.73 21.96
C ALA A 70 -3.04 2.32 23.05
N VAL A 71 -3.46 3.44 23.71
CA VAL A 71 -2.68 4.10 24.77
C VAL A 71 -2.50 3.12 25.94
N ASP A 72 -3.60 2.45 26.32
CA ASP A 72 -3.59 1.49 27.42
C ASP A 72 -2.68 0.31 27.11
N LEU A 73 -2.53 -0.06 25.83
CA LEU A 73 -1.63 -1.13 25.42
C LEU A 73 -0.18 -0.68 25.55
N ARG A 74 0.04 0.62 25.48
CA ARG A 74 1.36 1.21 25.64
C ARG A 74 1.68 1.27 27.12
N ASP A 75 0.72 1.64 27.97
CA ASP A 75 0.94 1.75 29.42
C ASP A 75 0.84 0.42 30.20
N LEU A 76 0.23 -0.63 29.58
CA LEU A 76 0.00 -1.99 30.11
C LEU A 76 1.23 -2.68 30.72
N ASN A 77 2.43 -2.35 30.23
CA ASN A 77 3.68 -2.94 30.70
C ASN A 77 4.81 -1.86 30.74
N SER A 78 4.41 -0.60 30.99
CA SER A 78 5.30 0.57 31.09
C SER A 78 6.56 0.27 31.94
N PRO A 79 7.79 0.64 31.52
CA PRO A 79 8.15 1.40 30.32
C PRO A 79 8.48 0.53 29.13
N HIS A 80 8.72 -0.78 29.33
CA HIS A 80 9.07 -1.68 28.24
C HIS A 80 8.13 -1.62 27.04
N SER A 81 6.80 -1.81 27.26
CA SER A 81 5.81 -1.79 26.18
C SER A 81 5.71 -0.42 25.47
N ARG A 82 6.13 0.65 26.17
CA ARG A 82 6.19 2.02 25.65
C ARG A 82 7.43 2.16 24.72
N ALA A 83 8.57 1.55 25.13
CA ALA A 83 9.82 1.49 24.38
C ALA A 83 9.58 0.72 23.11
N MET A 84 8.85 -0.40 23.20
CA MET A 84 8.46 -1.28 22.08
C MET A 84 7.57 -0.54 21.08
N TYR A 85 6.74 0.40 21.55
CA TYR A 85 5.85 1.16 20.68
C TYR A 85 6.69 2.09 19.81
N VAL A 86 7.55 2.91 20.46
CA VAL A 86 8.42 3.90 19.84
C VAL A 86 9.51 3.22 19.00
N TYR A 87 10.12 2.15 19.51
CA TYR A 87 11.19 1.43 18.82
C TYR A 87 10.81 -0.05 18.61
N PRO A 88 9.85 -0.36 17.71
CA PRO A 88 9.49 -1.77 17.52
C PRO A 88 10.60 -2.58 16.87
N PRO A 89 10.78 -3.84 17.34
CA PRO A 89 11.79 -4.71 16.75
C PRO A 89 11.55 -4.87 15.26
N ASN A 90 12.59 -4.59 14.45
CA ASN A 90 12.50 -4.70 13.00
C ASN A 90 12.92 -6.12 12.59
N VAL A 91 11.93 -7.03 12.48
CA VAL A 91 12.16 -8.44 12.19
C VAL A 91 11.53 -8.93 10.91
N GLU A 92 12.13 -9.98 10.32
CA GLU A 92 11.66 -10.73 9.17
C GLU A 92 10.45 -11.52 9.68
N SER A 93 9.57 -11.99 8.78
CA SER A 93 8.35 -12.66 9.26
C SER A 93 8.56 -14.06 9.87
N SER A 94 9.69 -14.75 9.56
CA SER A 94 9.97 -16.09 10.10
C SER A 94 11.45 -16.33 10.47
N PRO A 95 11.77 -17.06 11.59
CA PRO A 95 13.18 -17.31 11.93
C PRO A 95 13.88 -18.38 11.09
N GLU A 96 13.15 -19.06 10.19
CA GLU A 96 13.68 -20.07 9.29
C GLU A 96 14.56 -19.44 8.21
N LEU A 97 15.85 -19.82 8.19
CA LEU A 97 16.84 -19.33 7.23
C LEU A 97 16.90 -20.24 6.00
N PRO A 98 16.56 -19.75 4.76
CA PRO A 98 16.70 -20.60 3.57
C PRO A 98 18.13 -21.12 3.46
N LYS A 99 18.29 -22.37 3.01
CA LYS A 99 19.57 -23.07 2.92
C LYS A 99 20.76 -22.19 2.49
N HIS A 100 20.61 -21.36 1.44
CA HIS A 100 21.69 -20.50 0.93
C HIS A 100 22.09 -19.36 1.90
N ILE A 101 21.16 -18.93 2.78
CA ILE A 101 21.39 -17.91 3.81
C ILE A 101 22.13 -18.60 4.96
N TYR A 102 21.66 -19.80 5.37
CA TYR A 102 22.26 -20.62 6.42
C TYR A 102 23.71 -21.03 6.10
N ASN A 103 23.97 -21.49 4.86
CA ASN A 103 25.28 -21.93 4.34
C ASN A 103 26.39 -20.87 4.44
N LYS A 104 26.02 -19.58 4.58
CA LYS A 104 26.96 -18.46 4.72
C LYS A 104 27.60 -18.46 6.12
N LEU A 105 26.90 -19.04 7.12
CA LEU A 105 27.34 -19.10 8.51
C LEU A 105 28.42 -20.14 8.80
N ASP A 106 29.36 -19.78 9.69
CA ASP A 106 30.46 -20.63 10.18
C ASP A 106 29.87 -21.66 11.15
N LYS A 107 29.42 -22.82 10.61
CA LYS A 107 28.81 -23.92 11.39
C LYS A 107 27.53 -23.46 12.11
N GLY A 108 26.71 -22.69 11.38
CA GLY A 108 25.47 -22.11 11.87
C GLY A 108 25.68 -21.02 12.90
N GLN A 109 26.86 -20.36 12.85
CA GLN A 109 27.30 -19.30 13.77
C GLN A 109 27.68 -17.99 13.08
N ILE A 110 27.43 -16.89 13.78
CA ILE A 110 27.70 -15.51 13.35
C ILE A 110 28.71 -14.79 14.25
N ILE A 111 29.65 -14.09 13.60
CA ILE A 111 30.63 -13.23 14.25
C ILE A 111 29.96 -11.83 14.32
N VAL A 112 29.71 -11.36 15.55
CA VAL A 112 29.03 -10.12 15.86
C VAL A 112 29.94 -9.23 16.71
N VAL A 113 29.83 -7.91 16.55
CA VAL A 113 30.66 -6.96 17.31
C VAL A 113 29.82 -6.06 18.22
N ILE A 114 30.09 -6.13 19.53
CA ILE A 114 29.38 -5.31 20.52
C ILE A 114 30.28 -4.14 20.91
N TRP A 115 29.71 -2.94 20.90
CA TRP A 115 30.37 -1.69 21.23
C TRP A 115 29.92 -1.19 22.59
N VAL A 116 30.83 -0.59 23.35
CA VAL A 116 30.53 -0.05 24.68
C VAL A 116 31.17 1.35 24.81
N ILE A 117 30.36 2.38 25.10
CA ILE A 117 30.88 3.74 25.32
C ILE A 117 31.23 3.85 26.81
N VAL A 118 32.53 4.05 27.11
CA VAL A 118 33.07 4.06 28.47
C VAL A 118 33.68 5.40 28.88
N SER A 119 33.61 5.69 30.21
CA SER A 119 34.20 6.83 30.93
C SER A 119 33.80 8.23 30.35
N PRO A 120 34.42 9.37 30.79
CA PRO A 120 33.98 10.69 30.27
C PRO A 120 34.18 10.92 28.77
N ASN A 121 35.42 10.70 28.25
CA ASN A 121 35.83 10.89 26.85
C ASN A 121 35.06 10.05 25.81
N ASN A 122 34.04 9.29 26.25
CA ASN A 122 33.19 8.43 25.44
C ASN A 122 34.03 7.54 24.51
N ASP A 123 34.98 6.83 25.14
CA ASP A 123 35.88 5.90 24.47
C ASP A 123 35.07 4.69 24.07
N LYS A 124 35.19 4.30 22.80
CA LYS A 124 34.43 3.20 22.24
C LYS A 124 35.24 1.89 22.27
N GLN A 125 34.83 0.97 23.15
CA GLN A 125 35.45 -0.34 23.33
C GLN A 125 34.65 -1.40 22.59
N LYS A 126 35.29 -2.15 21.70
CA LYS A 126 34.58 -3.21 20.98
C LYS A 126 34.93 -4.59 21.53
N TYR A 127 34.01 -5.55 21.39
CA TYR A 127 34.16 -6.93 21.82
C TYR A 127 33.51 -7.84 20.77
N THR A 128 34.33 -8.41 19.86
CA THR A 128 33.90 -9.31 18.79
C THR A 128 33.56 -10.69 19.39
N LEU A 129 32.38 -11.24 19.06
CA LEU A 129 31.90 -12.54 19.56
C LEU A 129 31.45 -13.45 18.42
N LYS A 130 31.64 -14.78 18.56
CA LYS A 130 31.16 -15.79 17.60
C LYS A 130 30.03 -16.50 18.33
N ILE A 131 28.79 -16.27 17.86
CA ILE A 131 27.58 -16.75 18.53
C ILE A 131 26.63 -17.48 17.60
N ASN A 132 25.64 -18.22 18.15
CA ASN A 132 24.63 -18.93 17.36
C ASN A 132 23.75 -17.91 16.66
N HIS A 133 23.40 -18.17 15.39
CA HIS A 133 22.55 -17.25 14.64
C HIS A 133 21.19 -17.07 15.28
N ASP A 134 20.71 -18.08 16.03
CA ASP A 134 19.41 -18.02 16.70
C ASP A 134 19.51 -17.56 18.17
N CYS A 135 20.64 -16.94 18.55
CA CYS A 135 20.85 -16.44 19.91
C CYS A 135 19.90 -15.29 20.22
N VAL A 136 19.28 -15.32 21.38
CA VAL A 136 18.39 -14.26 21.84
C VAL A 136 19.26 -13.00 22.17
N PRO A 137 18.76 -11.73 22.05
CA PRO A 137 19.61 -10.57 22.38
C PRO A 137 20.22 -10.60 23.79
N GLU A 138 19.43 -11.04 24.80
CA GLU A 138 19.85 -11.18 26.20
C GLU A 138 21.02 -12.16 26.36
N GLN A 139 21.04 -13.23 25.53
CA GLN A 139 22.14 -14.21 25.51
C GLN A 139 23.42 -13.50 25.01
N VAL A 140 23.28 -12.73 23.90
CA VAL A 140 24.31 -11.94 23.21
C VAL A 140 24.94 -10.88 24.15
N ILE A 141 24.13 -10.23 24.99
CA ILE A 141 24.55 -9.21 25.97
C ILE A 141 25.47 -9.89 27.02
N ALA A 142 24.99 -11.02 27.59
CA ALA A 142 25.68 -11.84 28.58
C ALA A 142 27.05 -12.27 28.07
N GLU A 143 27.13 -12.63 26.78
CA GLU A 143 28.38 -13.00 26.11
C GLU A 143 29.33 -11.79 26.02
N ALA A 144 28.81 -10.58 25.74
CA ALA A 144 29.61 -9.34 25.63
C ALA A 144 30.21 -8.95 26.98
N ILE A 145 29.46 -9.21 28.09
CA ILE A 145 29.87 -8.96 29.47
C ILE A 145 30.92 -9.99 29.87
N ARG A 146 30.70 -11.27 29.49
CA ARG A 146 31.64 -12.36 29.76
C ARG A 146 33.00 -11.95 29.18
N LYS A 147 33.03 -11.56 27.89
CA LYS A 147 34.25 -11.14 27.21
C LYS A 147 34.81 -9.79 27.71
N LYS A 148 33.95 -8.92 28.30
CA LYS A 148 34.36 -7.62 28.83
C LYS A 148 35.27 -7.79 30.05
N THR A 149 34.99 -8.78 30.89
CA THR A 149 35.77 -9.09 32.09
C THR A 149 37.01 -9.93 31.74
N ARG A 150 36.85 -10.94 30.86
CA ARG A 150 37.90 -11.84 30.35
C ARG A 150 39.04 -11.09 29.62
N SER A 151 38.91 -9.75 29.47
CA SER A 151 39.89 -8.86 28.83
C SER A 151 40.91 -8.33 29.85
N MET A 152 40.43 -7.91 31.04
CA MET A 152 41.29 -7.37 32.09
C MET A 152 41.96 -8.48 32.92
N LEU A 153 41.32 -9.68 32.99
CA LEU A 153 41.79 -10.88 33.72
C LEU A 153 42.17 -10.62 35.18
N TYR A 166 25.31 -7.89 36.84
CA TYR A 166 24.35 -7.29 35.90
C TYR A 166 23.80 -8.33 34.92
N GLN A 167 22.61 -8.06 34.34
CA GLN A 167 21.92 -8.90 33.34
C GLN A 167 20.89 -8.10 32.54
N GLY A 168 19.64 -8.05 33.02
CA GLY A 168 18.54 -7.34 32.38
C GLY A 168 18.55 -5.84 32.60
N LYS A 169 19.74 -5.24 32.69
CA LYS A 169 19.95 -3.79 32.90
C LYS A 169 20.36 -3.14 31.57
N TYR A 170 20.61 -3.97 30.54
CA TYR A 170 21.08 -3.55 29.23
C TYR A 170 20.26 -4.02 28.06
N ILE A 171 20.29 -3.22 26.96
CA ILE A 171 19.61 -3.47 25.67
C ILE A 171 20.57 -3.24 24.51
N LEU A 172 20.28 -3.85 23.34
CA LEU A 172 21.12 -3.67 22.16
C LEU A 172 20.51 -2.71 21.13
N LYS A 173 21.34 -1.78 20.65
CA LYS A 173 21.01 -0.77 19.64
C LYS A 173 21.88 -1.03 18.39
N VAL A 174 21.35 -0.73 17.17
CA VAL A 174 22.11 -0.86 15.92
C VAL A 174 23.04 0.36 15.86
N CYS A 175 24.37 0.15 15.63
CA CYS A 175 25.37 1.23 15.55
C CYS A 175 25.06 2.09 14.34
N GLY A 176 24.83 3.38 14.56
CA GLY A 176 24.58 4.33 13.49
C GLY A 176 23.15 4.70 13.15
N CYS A 177 22.13 4.14 13.86
CA CYS A 177 20.70 4.41 13.63
C CYS A 177 19.82 4.00 14.84
N ASP A 178 18.64 4.64 14.96
CA ASP A 178 17.70 4.43 16.05
C ASP A 178 16.87 3.16 15.85
N GLU A 179 17.54 2.01 15.97
CA GLU A 179 16.96 0.67 15.84
C GLU A 179 17.42 -0.11 17.04
N TYR A 180 16.47 -0.76 17.72
CA TYR A 180 16.75 -1.51 18.93
C TYR A 180 16.30 -2.97 18.80
N PHE A 181 17.01 -3.85 19.51
CA PHE A 181 16.72 -5.29 19.57
C PHE A 181 16.14 -5.54 20.97
N LEU A 182 14.93 -4.98 21.24
CA LEU A 182 14.24 -5.03 22.54
C LEU A 182 13.48 -6.33 22.85
N GLU A 183 13.36 -7.28 21.89
CA GLU A 183 12.58 -8.50 22.10
C GLU A 183 13.34 -9.82 21.81
N LYS A 184 12.89 -10.90 22.51
CA LYS A 184 13.39 -12.27 22.55
C LYS A 184 13.53 -13.00 21.20
N TYR A 185 13.29 -12.33 20.06
CA TYR A 185 13.46 -12.95 18.73
C TYR A 185 14.93 -13.40 18.56
N PRO A 186 15.20 -14.52 17.85
CA PRO A 186 16.61 -14.89 17.59
C PRO A 186 17.28 -13.77 16.78
N LEU A 187 18.55 -13.47 17.08
CA LEU A 187 19.32 -12.41 16.43
C LEU A 187 19.16 -12.39 14.90
N SER A 188 19.22 -13.57 14.24
CA SER A 188 19.07 -13.69 12.78
C SER A 188 17.69 -13.23 12.26
N GLN A 189 16.62 -13.37 13.06
CA GLN A 189 15.29 -12.96 12.62
C GLN A 189 15.17 -11.45 12.39
N TYR A 190 16.04 -10.63 13.05
CA TYR A 190 16.10 -9.18 12.88
C TYR A 190 16.63 -8.85 11.46
N LYS A 191 15.92 -7.97 10.70
CA LYS A 191 16.25 -7.59 9.31
C LYS A 191 17.68 -7.11 9.17
N TYR A 192 18.16 -6.24 10.12
CA TYR A 192 19.55 -5.77 10.15
C TYR A 192 20.52 -6.95 10.25
N ILE A 193 20.23 -7.97 11.08
CA ILE A 193 21.14 -9.11 11.20
C ILE A 193 21.07 -10.04 9.96
N ARG A 194 19.85 -10.36 9.45
CA ARG A 194 19.72 -11.21 8.26
C ARG A 194 20.34 -10.54 7.02
N SER A 195 20.23 -9.20 6.93
CA SER A 195 20.82 -8.44 5.82
C SER A 195 22.33 -8.56 5.89
N CYS A 196 22.90 -8.35 7.09
CA CYS A 196 24.34 -8.44 7.35
C CYS A 196 24.94 -9.76 6.87
N ILE A 197 24.28 -10.90 7.21
CA ILE A 197 24.65 -12.26 6.81
C ILE A 197 24.72 -12.33 5.27
N MET A 198 23.61 -11.98 4.59
CA MET A 198 23.45 -12.02 3.13
C MET A 198 24.53 -11.22 2.38
N LEU A 199 24.77 -9.94 2.79
CA LEU A 199 25.75 -9.05 2.17
C LEU A 199 27.21 -9.33 2.62
N GLY A 200 27.40 -10.27 3.55
CA GLY A 200 28.70 -10.61 4.10
C GLY A 200 29.33 -9.47 4.87
N ARG A 201 28.47 -8.69 5.56
CA ARG A 201 28.83 -7.52 6.36
C ARG A 201 28.81 -7.84 7.86
N MET A 202 29.76 -7.24 8.58
CA MET A 202 29.98 -7.42 10.03
C MET A 202 28.94 -6.64 10.86
N PRO A 203 28.10 -7.32 11.66
CA PRO A 203 27.11 -6.60 12.47
C PRO A 203 27.69 -5.88 13.67
N ASN A 204 27.70 -4.55 13.60
CA ASN A 204 28.16 -3.66 14.66
C ASN A 204 26.95 -3.21 15.49
N LEU A 205 26.93 -3.58 16.76
CA LEU A 205 25.83 -3.24 17.67
C LEU A 205 26.37 -2.56 18.89
N MET A 206 25.56 -1.76 19.56
CA MET A 206 25.97 -1.03 20.75
C MET A 206 25.21 -1.47 21.97
N LEU A 207 25.94 -1.65 23.08
CA LEU A 207 25.38 -2.01 24.36
C LEU A 207 24.95 -0.71 25.04
N MET A 208 23.65 -0.63 25.38
CA MET A 208 23.05 0.54 25.98
C MET A 208 22.32 0.18 27.26
N ALA A 209 22.34 1.10 28.25
CA ALA A 209 21.63 0.92 29.50
C ALA A 209 20.13 1.04 29.22
N LYS A 210 19.28 0.28 29.93
CA LYS A 210 17.82 0.32 29.75
C LYS A 210 17.28 1.69 30.16
N GLU A 211 17.76 2.22 31.31
CA GLU A 211 17.34 3.53 31.83
C GLU A 211 17.85 4.69 30.97
N SER A 212 18.91 4.46 30.14
CA SER A 212 19.43 5.48 29.21
C SER A 212 18.45 5.70 28.04
N LEU A 213 17.74 4.63 27.62
CA LEU A 213 16.72 4.66 26.59
C LEU A 213 15.41 5.14 27.25
N TYR A 214 15.08 4.58 28.44
CA TYR A 214 13.85 4.88 29.16
C TYR A 214 13.75 6.35 29.61
N SER A 215 14.88 7.03 29.83
CA SER A 215 14.88 8.46 30.16
C SER A 215 14.51 9.27 28.91
N GLN A 216 15.15 8.93 27.76
CA GLN A 216 14.94 9.52 26.43
C GLN A 216 13.45 9.40 25.97
N LEU A 217 12.67 8.54 26.66
CA LEU A 217 11.25 8.29 26.37
C LEU A 217 10.32 9.23 27.14
N PRO A 218 9.28 9.78 26.49
CA PRO A 218 8.38 10.69 27.18
C PRO A 218 7.17 9.98 27.78
N MET A 219 6.49 10.66 28.73
CA MET A 219 5.31 10.08 29.36
C MET A 219 4.03 10.49 28.63
N ASP A 220 3.25 9.47 28.19
CA ASP A 220 1.97 9.61 27.47
C ASP A 220 0.97 10.42 28.29
N CYS A 221 0.13 11.18 27.61
CA CYS A 221 -0.88 12.04 28.24
C CYS A 221 -2.09 12.17 27.29
N PHE A 222 -2.70 11.03 26.93
CA PHE A 222 -3.86 11.07 26.05
C PHE A 222 -5.05 11.65 26.80
N THR A 223 -5.25 12.95 26.59
CA THR A 223 -6.32 13.74 27.18
C THR A 223 -7.52 13.55 26.27
N MET A 224 -8.70 13.24 26.84
CA MET A 224 -9.93 13.11 26.08
C MET A 224 -10.35 14.50 25.62
N PRO A 225 -10.60 14.69 24.31
CA PRO A 225 -10.92 16.03 23.80
C PRO A 225 -12.27 16.59 24.24
N SER A 226 -12.46 17.93 24.06
CA SER A 226 -13.68 18.71 24.40
C SER A 226 -14.92 18.22 23.67
N TYR A 227 -14.76 17.81 22.38
CA TYR A 227 -15.85 17.33 21.53
C TYR A 227 -16.50 16.00 21.97
N SER A 228 -15.79 15.19 22.78
CA SER A 228 -16.34 13.91 23.29
C SER A 228 -17.37 14.12 24.42
N ARG A 229 -17.47 15.37 24.95
CA ARG A 229 -18.41 15.80 25.99
C ARG A 229 -19.07 17.12 25.56
N LYS A 245 -40.14 3.12 14.13
CA LYS A 245 -39.22 2.52 13.16
C LYS A 245 -39.72 1.17 12.58
N SER A 246 -39.67 1.04 11.23
CA SER A 246 -40.07 -0.17 10.47
C SER A 246 -38.83 -0.96 9.98
N LEU A 247 -38.98 -2.06 9.15
CA LEU A 247 -37.83 -2.85 8.70
C LEU A 247 -37.90 -3.35 7.22
N TRP A 248 -38.00 -4.69 7.03
CA TRP A 248 -38.02 -5.42 5.75
C TRP A 248 -39.45 -5.68 5.23
N VAL A 249 -40.46 -5.14 5.95
CA VAL A 249 -41.90 -5.33 5.67
C VAL A 249 -42.32 -4.78 4.31
N ILE A 250 -41.92 -3.52 3.99
CA ILE A 250 -42.22 -2.73 2.76
C ILE A 250 -42.39 -3.61 1.50
N ASN A 251 -43.59 -3.53 0.89
CA ASN A 251 -43.97 -4.31 -0.30
C ASN A 251 -43.88 -3.48 -1.60
N SER A 252 -43.27 -2.28 -1.53
CA SER A 252 -43.10 -1.33 -2.65
C SER A 252 -41.90 -1.66 -3.54
N ALA A 253 -41.88 -1.07 -4.74
CA ALA A 253 -40.76 -1.18 -5.70
C ALA A 253 -39.78 -0.03 -5.41
N LEU A 254 -38.69 0.06 -6.18
CA LEU A 254 -37.72 1.11 -5.95
C LEU A 254 -38.01 2.33 -6.82
N ARG A 255 -38.22 3.48 -6.16
CA ARG A 255 -38.47 4.74 -6.83
C ARG A 255 -37.81 5.90 -6.09
N ILE A 256 -37.18 6.79 -6.87
CA ILE A 256 -36.46 7.99 -6.43
C ILE A 256 -36.84 9.12 -7.39
N LYS A 257 -37.13 10.32 -6.86
CA LYS A 257 -37.51 11.49 -7.66
C LYS A 257 -36.30 12.39 -7.94
N ILE A 258 -36.22 12.92 -9.17
CA ILE A 258 -35.17 13.86 -9.58
C ILE A 258 -35.85 15.23 -9.71
N LEU A 259 -35.71 16.07 -8.67
CA LEU A 259 -36.33 17.40 -8.62
C LEU A 259 -35.69 18.37 -9.63
N CYS A 260 -34.52 18.93 -9.29
CA CYS A 260 -33.81 19.91 -10.11
C CYS A 260 -32.30 19.93 -9.87
N ALA A 261 -31.57 20.55 -10.80
CA ALA A 261 -30.14 20.75 -10.74
C ALA A 261 -29.83 22.23 -10.89
N THR A 262 -28.95 22.74 -10.02
CA THR A 262 -28.46 24.12 -10.02
C THR A 262 -26.99 24.13 -10.46
N TYR A 263 -26.41 25.32 -10.69
CA TYR A 263 -25.00 25.54 -11.09
C TYR A 263 -24.62 24.81 -12.41
N VAL A 264 -25.48 24.96 -13.45
CA VAL A 264 -25.33 24.34 -14.78
C VAL A 264 -25.63 25.38 -15.90
N ASN A 265 -24.68 25.56 -16.89
CA ASN A 265 -24.84 26.50 -18.03
C ASN A 265 -23.78 26.34 -19.17
N VAL A 266 -23.86 27.24 -20.20
CA VAL A 266 -23.07 27.45 -21.43
C VAL A 266 -22.83 26.14 -22.27
N ASN A 267 -23.32 26.15 -23.55
CA ASN A 267 -23.27 25.06 -24.56
C ASN A 267 -24.04 23.80 -24.11
N ASP A 272 -26.11 20.62 -25.83
CA ASP A 272 -27.43 20.88 -26.42
C ASP A 272 -28.59 20.56 -25.44
N LYS A 273 -28.87 19.26 -25.20
CA LYS A 273 -29.90 18.78 -24.27
C LYS A 273 -29.27 17.89 -23.19
N ILE A 274 -29.59 18.17 -21.90
CA ILE A 274 -29.02 17.46 -20.74
C ILE A 274 -30.09 16.64 -19.98
N TYR A 275 -29.69 15.41 -19.60
CA TYR A 275 -30.53 14.49 -18.85
C TYR A 275 -29.72 13.93 -17.67
N VAL A 276 -30.44 13.42 -16.65
CA VAL A 276 -29.88 12.77 -15.47
C VAL A 276 -29.92 11.26 -15.72
N ARG A 277 -28.75 10.61 -15.70
CA ARG A 277 -28.65 9.15 -15.84
C ARG A 277 -28.46 8.57 -14.42
N THR A 278 -29.29 7.59 -14.03
CA THR A 278 -29.21 6.95 -12.71
C THR A 278 -28.98 5.43 -12.81
N GLY A 279 -28.62 4.82 -11.68
CA GLY A 279 -28.35 3.39 -11.58
C GLY A 279 -28.25 2.89 -10.15
N ILE A 280 -28.62 1.63 -9.93
CA ILE A 280 -28.56 0.97 -8.62
C ILE A 280 -27.50 -0.12 -8.70
N TYR A 281 -26.43 0.06 -7.90
CA TYR A 281 -25.24 -0.77 -7.92
C TYR A 281 -24.87 -1.45 -6.62
N HIS A 282 -24.07 -2.51 -6.75
CA HIS A 282 -23.44 -3.27 -5.69
C HIS A 282 -22.00 -3.22 -6.14
N GLY A 283 -21.26 -2.26 -5.58
CA GLY A 283 -19.89 -1.98 -5.97
C GLY A 283 -19.90 -1.35 -7.35
N GLY A 284 -19.56 -2.16 -8.34
CA GLY A 284 -19.53 -1.75 -9.75
C GLY A 284 -20.41 -2.61 -10.62
N GLU A 285 -21.17 -3.53 -9.99
CA GLU A 285 -22.07 -4.44 -10.67
C GLU A 285 -23.51 -3.89 -10.50
N PRO A 286 -24.25 -3.64 -11.62
CA PRO A 286 -25.60 -3.08 -11.48
C PRO A 286 -26.60 -4.13 -11.00
N LEU A 287 -27.50 -3.73 -10.09
CA LEU A 287 -28.54 -4.59 -9.53
C LEU A 287 -29.84 -4.54 -10.36
N CYS A 288 -29.85 -3.73 -11.45
CA CYS A 288 -30.97 -3.56 -12.39
C CYS A 288 -30.52 -2.81 -13.66
N ASP A 289 -31.47 -2.06 -14.27
CA ASP A 289 -31.28 -1.25 -15.48
C ASP A 289 -31.04 0.22 -15.15
N ASN A 290 -30.20 0.88 -15.98
CA ASN A 290 -29.89 2.30 -15.89
C ASN A 290 -31.14 3.07 -16.29
N VAL A 291 -31.76 3.77 -15.32
CA VAL A 291 -32.99 4.56 -15.50
C VAL A 291 -32.62 6.04 -15.71
N ASN A 292 -33.20 6.67 -16.75
CA ASN A 292 -32.88 8.07 -17.08
C ASN A 292 -34.10 8.98 -17.06
N THR A 293 -33.83 10.30 -16.90
CA THR A 293 -34.84 11.37 -16.91
C THR A 293 -34.96 11.89 -18.35
N GLN A 294 -36.09 12.53 -18.69
CA GLN A 294 -36.35 13.06 -20.04
C GLN A 294 -35.42 14.24 -20.34
N ARG A 295 -34.86 14.29 -21.57
CA ARG A 295 -33.91 15.32 -22.03
C ARG A 295 -34.45 16.73 -21.92
N VAL A 296 -33.63 17.66 -21.37
CA VAL A 296 -33.97 19.08 -21.13
C VAL A 296 -32.75 19.97 -21.47
N PRO A 297 -32.85 21.07 -22.28
CA PRO A 297 -31.67 21.94 -22.47
C PRO A 297 -31.35 22.69 -21.16
N CYS A 298 -30.05 22.81 -20.82
CA CYS A 298 -29.52 23.34 -19.55
C CYS A 298 -29.77 24.86 -19.30
N SER A 299 -31.02 25.27 -19.45
CA SER A 299 -31.48 26.62 -19.18
C SER A 299 -32.36 26.53 -17.93
N ASN A 300 -33.32 25.59 -17.95
CA ASN A 300 -34.25 25.29 -16.86
C ASN A 300 -34.25 23.76 -16.62
N PRO A 301 -33.29 23.21 -15.83
CA PRO A 301 -33.24 21.76 -15.61
C PRO A 301 -34.05 21.30 -14.39
N ARG A 302 -35.38 21.30 -14.54
CA ARG A 302 -36.33 20.87 -13.50
C ARG A 302 -37.13 19.74 -14.10
N TRP A 303 -36.78 18.49 -13.74
CA TRP A 303 -37.46 17.31 -14.25
C TRP A 303 -38.70 17.00 -13.41
N ASN A 304 -38.57 17.09 -12.07
CA ASN A 304 -39.60 16.83 -11.05
C ASN A 304 -40.38 15.51 -11.31
N GLU A 305 -39.71 14.54 -11.97
CA GLU A 305 -40.27 13.23 -12.30
C GLU A 305 -39.76 12.14 -11.37
N TRP A 306 -40.61 11.13 -11.12
CA TRP A 306 -40.31 9.98 -10.28
C TRP A 306 -39.73 8.85 -11.12
N LEU A 307 -38.44 8.54 -10.93
CA LEU A 307 -37.77 7.45 -11.64
C LEU A 307 -38.06 6.15 -10.90
N ASN A 308 -38.44 5.10 -11.67
CA ASN A 308 -38.79 3.77 -11.18
C ASN A 308 -37.77 2.72 -11.63
N TYR A 309 -37.34 1.87 -10.69
CA TYR A 309 -36.33 0.84 -10.92
C TYR A 309 -36.91 -0.56 -10.77
N ASP A 310 -36.30 -1.55 -11.47
CA ASP A 310 -36.75 -2.95 -11.41
C ASP A 310 -36.10 -3.74 -10.24
N ILE A 311 -36.24 -3.21 -9.03
CA ILE A 311 -35.77 -3.80 -7.77
C ILE A 311 -36.85 -3.54 -6.74
N TYR A 312 -37.10 -4.52 -5.87
CA TYR A 312 -38.05 -4.39 -4.77
C TYR A 312 -37.27 -4.01 -3.51
N ILE A 313 -37.79 -3.04 -2.72
CA ILE A 313 -37.19 -2.52 -1.47
C ILE A 313 -36.55 -3.65 -0.58
N PRO A 314 -37.20 -4.81 -0.30
CA PRO A 314 -36.52 -5.85 0.51
C PRO A 314 -35.35 -6.57 -0.19
N ASP A 315 -35.34 -6.62 -1.55
CA ASP A 315 -34.27 -7.24 -2.35
C ASP A 315 -33.01 -6.33 -2.53
N LEU A 316 -33.02 -5.14 -1.90
CA LEU A 316 -31.90 -4.21 -1.90
C LEU A 316 -30.82 -4.70 -0.90
N PRO A 317 -29.55 -4.93 -1.35
CA PRO A 317 -28.51 -5.34 -0.40
C PRO A 317 -28.01 -4.16 0.43
N ARG A 318 -27.45 -4.43 1.61
CA ARG A 318 -26.93 -3.39 2.53
C ARG A 318 -25.90 -2.44 1.87
N ALA A 319 -25.06 -2.97 0.95
CA ALA A 319 -24.02 -2.23 0.23
C ALA A 319 -24.51 -1.54 -1.06
N ALA A 320 -25.86 -1.49 -1.26
CA ALA A 320 -26.50 -0.87 -2.43
C ALA A 320 -26.29 0.61 -2.44
N ARG A 321 -25.93 1.10 -3.63
CA ARG A 321 -25.68 2.50 -3.87
C ARG A 321 -26.48 3.06 -5.05
N LEU A 322 -26.80 4.35 -4.97
CA LEU A 322 -27.45 5.11 -6.00
C LEU A 322 -26.34 5.83 -6.78
N CYS A 323 -26.10 5.42 -8.03
CA CYS A 323 -25.08 6.05 -8.85
C CYS A 323 -25.76 6.94 -9.90
N LEU A 324 -25.65 8.26 -9.74
CA LEU A 324 -26.22 9.20 -10.70
C LEU A 324 -25.16 10.04 -11.44
N SER A 325 -25.60 10.80 -12.47
CA SER A 325 -24.79 11.71 -13.30
C SER A 325 -25.67 12.58 -14.21
N ILE A 326 -25.10 13.70 -14.72
CA ILE A 326 -25.74 14.61 -15.66
C ILE A 326 -24.99 14.46 -16.98
N CYS A 327 -25.69 14.01 -18.04
CA CYS A 327 -25.05 13.81 -19.34
C CYS A 327 -25.60 14.73 -20.43
N SER A 328 -24.85 14.87 -21.54
CA SER A 328 -25.20 15.71 -22.68
C SER A 328 -25.40 14.86 -23.95
N VAL A 329 -26.21 15.40 -24.91
CA VAL A 329 -26.53 14.76 -26.19
C VAL A 329 -26.19 15.68 -27.39
N LYS A 330 -25.55 15.09 -28.43
CA LYS A 330 -25.14 15.77 -29.67
C LYS A 330 -25.57 14.94 -30.89
N GLU A 337 -26.22 10.16 -31.14
CA GLU A 337 -25.00 9.66 -31.78
C GLU A 337 -23.70 10.03 -31.02
N GLU A 338 -23.79 10.98 -30.04
CA GLU A 338 -22.66 11.42 -29.20
C GLU A 338 -23.12 11.81 -27.77
N HIS A 339 -22.96 10.86 -26.80
CA HIS A 339 -23.32 11.04 -25.38
C HIS A 339 -22.08 11.31 -24.51
N CYS A 340 -22.14 12.32 -23.61
CA CYS A 340 -21.00 12.66 -22.75
C CYS A 340 -21.39 13.02 -21.31
N PRO A 341 -20.68 12.45 -20.29
CA PRO A 341 -21.01 12.80 -18.89
C PRO A 341 -20.41 14.15 -18.50
N LEU A 342 -21.16 14.97 -17.74
CA LEU A 342 -20.74 16.29 -17.31
C LEU A 342 -20.27 16.35 -15.84
N ALA A 343 -21.12 15.90 -14.92
CA ALA A 343 -20.87 15.84 -13.48
C ALA A 343 -21.48 14.54 -12.95
N TRP A 344 -20.87 13.92 -11.93
CA TRP A 344 -21.36 12.66 -11.36
C TRP A 344 -21.49 12.73 -9.86
N GLY A 345 -22.16 11.75 -9.27
CA GLY A 345 -22.34 11.66 -7.83
C GLY A 345 -22.95 10.35 -7.39
N ASN A 346 -22.42 9.76 -6.30
CA ASN A 346 -22.91 8.50 -5.75
C ASN A 346 -23.44 8.70 -4.32
N ILE A 347 -24.52 7.96 -3.98
CA ILE A 347 -25.22 8.01 -2.70
C ILE A 347 -25.38 6.58 -2.13
N ASN A 348 -25.14 6.39 -0.82
CA ASN A 348 -25.39 5.09 -0.20
C ASN A 348 -26.89 5.09 0.08
N LEU A 349 -27.61 4.07 -0.43
CA LEU A 349 -29.05 3.95 -0.19
C LEU A 349 -29.41 3.72 1.32
N PHE A 350 -28.41 3.42 2.16
CA PHE A 350 -28.59 3.29 3.61
C PHE A 350 -27.52 4.16 4.30
N ASP A 351 -27.87 4.87 5.38
CA ASP A 351 -26.92 5.71 6.10
C ASP A 351 -26.04 4.85 7.03
N TYR A 352 -25.23 5.49 7.91
CA TYR A 352 -24.33 4.78 8.83
C TYR A 352 -25.05 4.14 10.02
N THR A 353 -26.28 4.56 10.32
CA THR A 353 -27.08 4.00 11.42
C THR A 353 -27.97 2.84 10.90
N ASP A 354 -27.87 2.54 9.57
CA ASP A 354 -28.55 1.50 8.78
C ASP A 354 -29.96 1.93 8.30
N THR A 355 -30.28 3.26 8.41
CA THR A 355 -31.55 3.86 7.97
C THR A 355 -31.55 4.04 6.46
N LEU A 356 -32.66 3.72 5.77
CA LEU A 356 -32.81 3.96 4.34
C LEU A 356 -33.03 5.48 4.18
N VAL A 357 -32.53 6.09 3.06
CA VAL A 357 -32.64 7.54 2.82
C VAL A 357 -34.11 8.02 2.79
N SER A 358 -34.48 8.89 3.75
CA SER A 358 -35.84 9.39 3.90
C SER A 358 -35.95 10.91 3.72
N GLY A 359 -36.74 11.29 2.72
CA GLY A 359 -37.03 12.69 2.43
C GLY A 359 -36.30 13.29 1.26
N LYS A 360 -35.89 14.56 1.41
CA LYS A 360 -35.21 15.30 0.36
C LYS A 360 -33.71 15.41 0.65
N MET A 361 -32.91 15.52 -0.41
CA MET A 361 -31.45 15.59 -0.33
C MET A 361 -30.89 16.45 -1.48
N ALA A 362 -29.79 17.18 -1.20
CA ALA A 362 -29.07 18.02 -2.16
C ALA A 362 -27.66 17.45 -2.39
N LEU A 363 -27.44 16.76 -3.53
CA LEU A 363 -26.12 16.19 -3.79
C LEU A 363 -25.21 17.06 -4.69
N ASN A 364 -24.19 17.72 -4.09
CA ASN A 364 -23.19 18.46 -4.86
C ASN A 364 -22.34 17.41 -5.64
N LEU A 365 -22.40 17.49 -6.98
CA LEU A 365 -21.76 16.56 -7.88
C LEU A 365 -20.24 16.83 -8.06
N TRP A 366 -19.52 15.89 -8.71
CA TRP A 366 -18.07 15.87 -8.93
C TRP A 366 -17.69 16.01 -10.40
N PRO A 367 -16.55 16.69 -10.72
CA PRO A 367 -16.10 16.75 -12.12
C PRO A 367 -15.76 15.35 -12.66
N VAL A 368 -15.94 15.14 -13.98
CA VAL A 368 -15.68 13.84 -14.60
C VAL A 368 -14.18 13.59 -14.82
N PRO A 369 -13.61 12.55 -14.18
CA PRO A 369 -12.18 12.24 -14.41
C PRO A 369 -11.95 11.82 -15.87
N HIS A 370 -10.83 12.28 -16.47
CA HIS A 370 -10.46 11.97 -17.87
C HIS A 370 -10.23 10.46 -18.06
N GLY A 371 -10.73 9.96 -19.18
CA GLY A 371 -10.69 8.55 -19.52
C GLY A 371 -11.82 7.77 -18.87
N LEU A 372 -12.98 8.43 -18.70
CA LEU A 372 -14.16 7.82 -18.10
C LEU A 372 -14.83 6.97 -19.18
N GLU A 373 -14.65 5.64 -19.06
CA GLU A 373 -15.16 4.61 -19.99
C GLU A 373 -16.67 4.67 -20.21
N ASP A 374 -17.48 4.72 -19.12
CA ASP A 374 -18.94 4.76 -19.21
C ASP A 374 -19.49 6.19 -19.03
N LEU A 375 -20.81 6.30 -18.74
CA LEU A 375 -21.57 7.54 -18.52
C LEU A 375 -21.76 7.76 -17.02
N LEU A 376 -21.66 6.68 -16.24
CA LEU A 376 -21.74 6.70 -14.79
C LEU A 376 -20.37 6.32 -14.20
N ASN A 377 -20.09 6.75 -12.96
CA ASN A 377 -18.86 6.37 -12.28
C ASN A 377 -19.25 5.67 -10.97
N PRO A 378 -19.65 4.37 -11.05
CA PRO A 378 -20.06 3.66 -9.84
C PRO A 378 -18.93 3.36 -8.87
N ILE A 379 -17.68 3.31 -9.36
CA ILE A 379 -16.52 3.04 -8.53
C ILE A 379 -16.13 4.29 -7.70
N GLY A 380 -16.59 5.46 -8.15
CA GLY A 380 -16.33 6.76 -7.56
C GLY A 380 -16.67 6.92 -6.08
N VAL A 381 -16.17 8.01 -5.49
CA VAL A 381 -16.37 8.33 -4.07
C VAL A 381 -17.83 8.65 -3.78
N THR A 382 -18.37 8.00 -2.76
CA THR A 382 -19.75 8.19 -2.32
C THR A 382 -19.84 9.47 -1.47
N GLY A 383 -20.86 10.27 -1.72
CA GLY A 383 -21.07 11.51 -0.97
C GLY A 383 -21.10 12.78 -1.78
N SER A 384 -21.52 13.86 -1.13
CA SER A 384 -21.66 15.21 -1.66
C SER A 384 -20.31 15.92 -1.69
N ASN A 385 -19.99 16.54 -2.84
CA ASN A 385 -18.75 17.29 -3.04
C ASN A 385 -18.67 18.43 -1.99
N PRO A 386 -17.54 18.56 -1.24
CA PRO A 386 -17.45 19.64 -0.24
C PRO A 386 -17.58 21.05 -0.82
N ASN A 387 -17.18 21.24 -2.10
CA ASN A 387 -17.30 22.52 -2.79
C ASN A 387 -18.78 22.64 -3.15
N LYS A 388 -19.53 23.34 -2.28
CA LYS A 388 -20.97 23.50 -2.43
C LYS A 388 -21.35 24.44 -3.60
N GLU A 389 -20.34 25.12 -4.21
CA GLU A 389 -20.51 25.98 -5.37
C GLU A 389 -20.04 25.24 -6.64
N THR A 390 -20.74 24.11 -6.91
CA THR A 390 -20.57 23.15 -8.02
C THR A 390 -21.97 22.69 -8.42
N PRO A 391 -22.16 21.96 -9.55
CA PRO A 391 -23.52 21.48 -9.90
C PRO A 391 -24.18 20.64 -8.82
N CYS A 392 -25.18 21.20 -8.14
CA CYS A 392 -25.95 20.49 -7.13
C CYS A 392 -27.10 19.75 -7.86
N LEU A 393 -27.69 18.73 -7.21
CA LEU A 393 -28.79 17.99 -7.77
C LEU A 393 -29.67 17.53 -6.63
N GLU A 394 -30.86 18.13 -6.54
CA GLU A 394 -31.84 17.83 -5.50
C GLU A 394 -32.67 16.61 -5.88
N LEU A 395 -32.91 15.77 -4.86
CA LEU A 395 -33.62 14.51 -4.94
C LEU A 395 -34.66 14.40 -3.82
N GLU A 396 -35.71 13.62 -4.07
CA GLU A 396 -36.77 13.31 -3.14
C GLU A 396 -36.92 11.79 -3.13
N PHE A 397 -36.93 11.20 -1.92
CA PHE A 397 -37.03 9.76 -1.67
C PHE A 397 -38.34 9.42 -0.98
N ASP A 398 -38.95 8.29 -1.40
CA ASP A 398 -40.20 7.73 -0.87
C ASP A 398 -40.23 7.68 0.67
N TRP A 399 -41.37 8.09 1.27
CA TRP A 399 -41.59 8.08 2.73
C TRP A 399 -42.53 6.93 3.10
N PHE A 400 -42.40 6.38 4.31
CA PHE A 400 -43.21 5.25 4.76
C PHE A 400 -43.86 5.52 6.14
N SER A 401 -43.96 4.50 7.04
CA SER A 401 -44.55 4.61 8.38
C SER A 401 -43.78 5.62 9.24
N SER A 402 -42.45 5.42 9.36
CA SER A 402 -41.53 6.26 10.11
C SER A 402 -40.11 6.18 9.51
N VAL A 403 -39.22 5.32 10.07
CA VAL A 403 -37.84 5.13 9.62
C VAL A 403 -37.53 3.66 9.29
N VAL A 404 -37.20 3.41 8.02
CA VAL A 404 -36.88 2.08 7.49
C VAL A 404 -35.41 1.72 7.75
N LYS A 405 -35.16 0.92 8.78
CA LYS A 405 -33.81 0.48 9.10
C LYS A 405 -33.58 -0.91 8.51
N PHE A 406 -32.31 -1.24 8.18
CA PHE A 406 -31.95 -2.54 7.62
C PHE A 406 -32.11 -3.63 8.72
N PRO A 407 -32.70 -4.82 8.40
CA PRO A 407 -32.89 -5.86 9.42
C PRO A 407 -31.65 -6.26 10.21
N ASP A 408 -31.84 -6.63 11.50
CA ASP A 408 -30.79 -7.12 12.38
C ASP A 408 -30.34 -8.52 11.89
N MET A 409 -29.14 -8.99 12.27
CA MET A 409 -28.64 -10.32 11.88
C MET A 409 -29.61 -11.45 12.33
N SER A 410 -30.36 -11.24 13.44
CA SER A 410 -31.35 -12.18 13.96
C SER A 410 -32.51 -12.33 12.95
N VAL A 411 -33.04 -11.20 12.45
CA VAL A 411 -34.12 -11.12 11.47
C VAL A 411 -33.68 -11.82 10.17
N ILE A 412 -32.41 -11.59 9.78
CA ILE A 412 -31.77 -12.16 8.58
C ILE A 412 -31.62 -13.66 8.79
N GLU A 413 -31.23 -14.09 10.01
CA GLU A 413 -31.05 -15.51 10.35
C GLU A 413 -32.38 -16.26 10.23
N GLU A 414 -33.47 -15.68 10.78
CA GLU A 414 -34.83 -16.23 10.72
C GLU A 414 -35.31 -16.37 9.27
N HIS A 415 -34.93 -15.40 8.40
CA HIS A 415 -35.27 -15.39 6.97
C HIS A 415 -34.37 -16.33 6.18
N ALA A 416 -33.11 -16.52 6.60
CA ALA A 416 -32.17 -17.41 5.93
C ALA A 416 -32.49 -18.85 6.27
N ASN A 417 -32.85 -19.13 7.54
CA ASN A 417 -33.26 -20.46 7.99
C ASN A 417 -34.58 -20.83 7.29
N TRP A 418 -35.38 -19.80 6.91
CA TRP A 418 -36.61 -19.95 6.12
C TRP A 418 -36.18 -20.20 4.67
N SER A 419 -35.19 -19.42 4.16
CA SER A 419 -34.64 -19.56 2.81
C SER A 419 -33.84 -20.89 2.70
N VAL A 420 -34.00 -21.78 3.69
CA VAL A 420 -33.38 -23.10 3.80
C VAL A 420 -34.48 -24.16 4.05
N SER A 421 -35.30 -23.97 5.11
CA SER A 421 -36.41 -24.87 5.50
C SER A 421 -37.57 -24.83 4.50
N ARG A 422 -37.85 -23.63 3.94
CA ARG A 422 -38.90 -23.41 2.95
C ARG A 422 -38.34 -23.30 1.51
N GLU A 423 -37.01 -23.55 1.35
CA GLU A 423 -36.31 -23.63 0.07
C GLU A 423 -36.28 -25.13 -0.25
N ALA A 424 -36.19 -25.95 0.83
CA ALA A 424 -36.31 -27.40 0.83
C ALA A 424 -37.84 -27.67 0.89
N GLY A 425 -38.59 -26.57 0.91
CA GLY A 425 -40.04 -26.45 0.85
C GLY A 425 -40.41 -25.68 -0.41
N PHE A 426 -39.41 -25.52 -1.32
CA PHE A 426 -39.48 -24.87 -2.64
C PHE A 426 -38.87 -25.77 -3.73
N SER A 427 -38.10 -26.80 -3.30
CA SER A 427 -37.48 -27.82 -4.16
C SER A 427 -38.26 -29.12 -4.01
N TYR A 428 -38.83 -29.35 -2.80
CA TYR A 428 -39.62 -30.51 -2.41
C TYR A 428 -41.11 -30.16 -2.27
N SER A 429 -41.47 -28.86 -2.07
CA SER A 429 -42.83 -28.38 -1.85
C SER A 429 -43.25 -27.10 -2.63
N HIS A 430 -42.87 -26.99 -3.92
CA HIS A 430 -43.21 -25.85 -4.78
C HIS A 430 -43.36 -26.26 -6.24
N ALA A 431 -42.30 -26.87 -6.83
CA ALA A 431 -42.14 -27.41 -8.19
C ALA A 431 -41.06 -26.72 -9.03
N GLY A 432 -41.24 -25.41 -9.28
CA GLY A 432 -40.35 -24.57 -10.09
C GLY A 432 -38.86 -24.78 -9.89
N LEU A 433 -38.09 -24.83 -10.99
CA LEU A 433 -36.65 -25.05 -10.94
C LEU A 433 -35.85 -23.76 -10.90
N SER A 434 -34.72 -23.86 -10.21
CA SER A 434 -33.68 -22.85 -10.05
C SER A 434 -32.41 -23.69 -9.91
N ASN A 435 -31.46 -23.54 -10.84
CA ASN A 435 -30.18 -24.28 -10.84
C ASN A 435 -29.25 -23.74 -9.73
N ARG A 436 -29.88 -23.22 -8.65
CA ARG A 436 -29.28 -22.57 -7.49
C ARG A 436 -29.76 -23.19 -6.15
N LEU A 437 -30.66 -24.20 -6.22
CA LEU A 437 -31.19 -24.93 -5.06
C LEU A 437 -30.16 -25.96 -4.60
N ALA A 438 -29.71 -25.87 -3.33
CA ALA A 438 -28.73 -26.81 -2.75
C ALA A 438 -29.36 -28.16 -2.48
N ARG A 439 -28.80 -29.23 -3.09
CA ARG A 439 -29.33 -30.58 -2.94
C ARG A 439 -28.49 -31.44 -1.97
N ASP A 440 -29.19 -32.15 -1.05
CA ASP A 440 -28.57 -33.04 -0.05
C ASP A 440 -28.24 -34.40 -0.65
N ASN A 441 -27.07 -34.97 -0.26
CA ASN A 441 -26.51 -36.26 -0.71
C ASN A 441 -26.25 -36.32 -2.26
N GLU A 442 -26.42 -35.17 -2.95
CA GLU A 442 -26.17 -35.02 -4.39
C GLU A 442 -24.92 -34.16 -4.65
N LEU A 443 -23.82 -34.48 -3.92
CA LEU A 443 -22.51 -33.83 -3.98
C LEU A 443 -21.48 -34.93 -4.32
N ARG A 444 -21.29 -35.20 -5.62
CA ARG A 444 -20.40 -36.22 -6.19
C ARG A 444 -18.94 -35.81 -6.17
N GLU A 445 -18.02 -36.79 -6.04
CA GLU A 445 -16.57 -36.56 -6.05
C GLU A 445 -16.07 -36.15 -7.45
N ASN A 446 -16.90 -36.41 -8.48
CA ASN A 446 -16.67 -36.08 -9.89
C ASN A 446 -16.68 -34.55 -10.07
N ASP A 447 -17.53 -33.85 -9.30
CA ASP A 447 -17.67 -32.39 -9.32
C ASP A 447 -17.10 -31.71 -8.04
N LYS A 448 -16.66 -32.51 -7.04
CA LYS A 448 -16.01 -32.00 -5.82
C LYS A 448 -14.60 -31.60 -6.18
N GLU A 449 -14.03 -32.27 -7.20
CA GLU A 449 -12.71 -31.96 -7.77
C GLU A 449 -12.84 -30.75 -8.70
N GLN A 450 -14.06 -30.51 -9.24
CA GLN A 450 -14.39 -29.39 -10.14
C GLN A 450 -14.35 -28.09 -9.35
N LEU A 451 -14.88 -28.10 -8.09
CA LEU A 451 -14.87 -26.94 -7.20
C LEU A 451 -13.42 -26.56 -6.90
N LYS A 452 -12.55 -27.57 -6.69
CA LYS A 452 -11.11 -27.40 -6.44
C LYS A 452 -10.47 -26.74 -7.68
N ALA A 453 -10.85 -27.22 -8.88
CA ALA A 453 -10.39 -26.72 -10.18
C ALA A 453 -10.76 -25.24 -10.39
N ILE A 454 -11.90 -24.80 -9.82
CA ILE A 454 -12.34 -23.41 -9.87
C ILE A 454 -11.60 -22.59 -8.82
N SER A 455 -11.45 -23.14 -7.59
CA SER A 455 -10.74 -22.49 -6.47
C SER A 455 -9.28 -22.12 -6.79
N THR A 456 -8.61 -22.89 -7.68
CA THR A 456 -7.21 -22.66 -8.06
C THR A 456 -7.05 -21.42 -8.94
N ARG A 457 -8.04 -21.16 -9.81
CA ARG A 457 -8.07 -20.06 -10.78
C ARG A 457 -7.75 -18.69 -10.18
N ASP A 458 -7.11 -17.83 -10.97
CA ASP A 458 -6.70 -16.48 -10.57
C ASP A 458 -7.91 -15.54 -10.35
N PRO A 459 -7.76 -14.44 -9.57
CA PRO A 459 -8.90 -13.52 -9.36
C PRO A 459 -9.48 -12.88 -10.62
N LEU A 460 -8.66 -12.73 -11.69
CA LEU A 460 -9.08 -12.13 -12.95
C LEU A 460 -9.62 -13.15 -13.96
N SER A 461 -9.64 -14.45 -13.61
CA SER A 461 -10.15 -15.50 -14.48
C SER A 461 -11.67 -15.41 -14.49
N GLU A 462 -12.25 -15.17 -15.69
CA GLU A 462 -13.70 -15.04 -15.90
C GLU A 462 -14.41 -16.35 -15.59
N ILE A 463 -15.39 -16.29 -14.69
CA ILE A 463 -16.17 -17.44 -14.26
C ILE A 463 -17.53 -17.37 -14.96
N THR A 464 -17.79 -18.32 -15.89
CA THR A 464 -19.01 -18.44 -16.71
C THR A 464 -20.27 -18.62 -15.87
N GLU A 465 -21.44 -18.39 -16.47
CA GLU A 465 -22.74 -18.53 -15.81
C GLU A 465 -22.99 -19.98 -15.33
N GLN A 466 -22.54 -20.98 -16.14
CA GLN A 466 -22.64 -22.42 -15.84
C GLN A 466 -21.85 -22.74 -14.57
N GLU A 467 -20.61 -22.20 -14.48
CA GLU A 467 -19.71 -22.36 -13.36
C GLU A 467 -20.26 -21.62 -12.14
N LYS A 468 -20.77 -20.38 -12.33
CA LYS A 468 -21.35 -19.55 -11.27
C LYS A 468 -22.56 -20.21 -10.58
N ASP A 469 -23.44 -20.87 -11.37
CA ASP A 469 -24.64 -21.60 -10.88
C ASP A 469 -24.24 -22.83 -10.08
N PHE A 470 -23.31 -23.61 -10.63
CA PHE A 470 -22.73 -24.81 -10.05
C PHE A 470 -22.16 -24.49 -8.67
N LEU A 471 -21.35 -23.41 -8.55
CA LEU A 471 -20.72 -22.95 -7.31
C LEU A 471 -21.74 -22.67 -6.22
N TRP A 472 -22.76 -21.83 -6.52
CA TRP A 472 -23.81 -21.47 -5.57
C TRP A 472 -24.59 -22.68 -5.06
N SER A 473 -24.94 -23.63 -5.95
CA SER A 473 -25.67 -24.85 -5.59
C SER A 473 -24.89 -25.65 -4.51
N HIS A 474 -23.53 -25.67 -4.64
CA HIS A 474 -22.61 -26.35 -3.74
C HIS A 474 -22.01 -25.42 -2.67
N ARG A 475 -22.74 -24.34 -2.30
CA ARG A 475 -22.33 -23.36 -1.29
C ARG A 475 -21.96 -23.97 0.06
N HIS A 476 -22.72 -24.98 0.50
CA HIS A 476 -22.53 -25.67 1.76
C HIS A 476 -21.28 -26.57 1.76
N TYR A 477 -20.90 -27.09 0.58
CA TYR A 477 -19.68 -27.90 0.48
C TYR A 477 -18.44 -27.00 0.54
N CYS A 478 -18.48 -25.85 -0.16
CA CYS A 478 -17.42 -24.85 -0.29
C CYS A 478 -16.75 -24.41 1.03
N VAL A 479 -17.38 -24.68 2.19
CA VAL A 479 -16.83 -24.37 3.52
C VAL A 479 -15.55 -25.20 3.77
N THR A 480 -15.49 -26.42 3.20
CA THR A 480 -14.37 -27.38 3.29
C THR A 480 -13.14 -26.86 2.54
N ILE A 481 -13.37 -26.02 1.50
CA ILE A 481 -12.37 -25.36 0.64
C ILE A 481 -12.58 -23.84 0.89
N PRO A 482 -12.14 -23.29 2.05
CA PRO A 482 -12.44 -21.87 2.36
C PRO A 482 -11.85 -20.83 1.44
N GLU A 483 -10.84 -21.22 0.66
CA GLU A 483 -10.16 -20.32 -0.28
C GLU A 483 -11.05 -19.92 -1.47
N ILE A 484 -12.19 -20.61 -1.69
CA ILE A 484 -13.10 -20.36 -2.82
C ILE A 484 -14.11 -19.23 -2.51
N LEU A 485 -14.16 -18.75 -1.25
CA LEU A 485 -15.05 -17.66 -0.81
C LEU A 485 -15.13 -16.49 -1.82
N PRO A 486 -14.00 -15.91 -2.34
CA PRO A 486 -14.12 -14.84 -3.34
C PRO A 486 -14.86 -15.20 -4.63
N LYS A 487 -14.75 -16.45 -5.10
CA LYS A 487 -15.42 -16.96 -6.29
C LYS A 487 -16.91 -17.23 -5.99
N LEU A 488 -17.20 -17.73 -4.78
CA LEU A 488 -18.55 -18.02 -4.32
C LEU A 488 -19.37 -16.77 -4.09
N LEU A 489 -18.74 -15.67 -3.56
CA LEU A 489 -19.41 -14.40 -3.29
C LEU A 489 -19.83 -13.71 -4.57
N LEU A 490 -19.01 -13.83 -5.61
CA LEU A 490 -19.31 -13.27 -6.93
C LEU A 490 -20.36 -14.10 -7.67
N SER A 491 -20.59 -15.35 -7.20
CA SER A 491 -21.58 -16.26 -7.76
C SER A 491 -23.00 -15.92 -7.25
N VAL A 492 -23.11 -15.20 -6.12
CA VAL A 492 -24.35 -14.76 -5.47
C VAL A 492 -25.08 -13.71 -6.32
N LYS A 493 -26.42 -13.78 -6.31
CA LYS A 493 -27.31 -12.82 -6.94
C LYS A 493 -27.59 -11.81 -5.82
N TRP A 494 -26.81 -10.71 -5.79
CA TRP A 494 -26.92 -9.70 -4.74
C TRP A 494 -28.23 -8.90 -4.86
N ASN A 495 -28.94 -9.04 -6.01
CA ASN A 495 -30.25 -8.44 -6.29
C ASN A 495 -31.39 -9.38 -5.85
N SER A 496 -31.09 -10.33 -4.92
CA SER A 496 -32.02 -11.32 -4.37
C SER A 496 -31.79 -11.45 -2.86
N ARG A 497 -32.79 -11.04 -2.04
CA ARG A 497 -32.70 -11.08 -0.57
C ARG A 497 -32.67 -12.49 0.02
N ASP A 498 -33.10 -13.49 -0.77
CA ASP A 498 -33.14 -14.89 -0.34
C ASP A 498 -31.75 -15.51 -0.39
N GLU A 499 -31.03 -15.34 -1.53
CA GLU A 499 -29.68 -15.85 -1.73
C GLU A 499 -28.70 -15.16 -0.80
N VAL A 500 -28.79 -13.82 -0.70
CA VAL A 500 -27.96 -12.95 0.14
C VAL A 500 -28.03 -13.38 1.62
N ALA A 501 -29.26 -13.55 2.18
CA ALA A 501 -29.45 -13.96 3.57
C ALA A 501 -28.74 -15.29 3.89
N GLN A 502 -28.80 -16.25 2.95
CA GLN A 502 -28.14 -17.56 3.07
C GLN A 502 -26.63 -17.39 3.14
N MET A 503 -26.08 -16.47 2.31
CA MET A 503 -24.66 -16.12 2.21
C MET A 503 -24.13 -15.44 3.47
N TYR A 504 -24.89 -14.48 4.03
CA TYR A 504 -24.54 -13.77 5.27
C TYR A 504 -24.24 -14.77 6.39
N CYS A 505 -25.02 -15.86 6.43
CA CYS A 505 -24.93 -16.92 7.42
C CYS A 505 -23.72 -17.79 7.19
N LEU A 506 -23.41 -18.10 5.92
CA LEU A 506 -22.21 -18.88 5.55
C LEU A 506 -20.92 -18.12 5.92
N VAL A 507 -20.97 -16.77 5.83
CA VAL A 507 -19.87 -15.86 6.14
C VAL A 507 -19.73 -15.66 7.66
N LYS A 508 -20.85 -15.72 8.43
CA LYS A 508 -20.77 -15.59 9.88
C LYS A 508 -20.02 -16.78 10.50
N ASP A 509 -19.99 -17.92 9.77
CA ASP A 509 -19.34 -19.17 10.17
C ASP A 509 -18.14 -19.56 9.26
N TRP A 510 -17.85 -18.77 8.20
CA TRP A 510 -16.77 -19.10 7.27
C TRP A 510 -15.41 -19.26 7.97
N PRO A 511 -14.68 -20.37 7.68
CA PRO A 511 -13.35 -20.56 8.28
C PRO A 511 -12.37 -19.45 7.87
N PRO A 512 -11.56 -18.93 8.80
CA PRO A 512 -10.62 -17.88 8.42
C PRO A 512 -9.56 -18.36 7.44
N ILE A 513 -9.30 -17.53 6.42
CA ILE A 513 -8.31 -17.71 5.33
C ILE A 513 -7.08 -16.83 5.60
N LYS A 514 -5.95 -17.11 4.90
CA LYS A 514 -4.70 -16.38 5.01
C LYS A 514 -4.90 -14.87 4.77
N PRO A 515 -4.11 -13.98 5.43
CA PRO A 515 -4.33 -12.53 5.22
C PRO A 515 -4.30 -12.13 3.75
N GLU A 516 -3.37 -12.69 2.97
CA GLU A 516 -3.19 -12.45 1.53
C GLU A 516 -4.45 -12.73 0.73
N GLN A 517 -5.15 -13.82 1.04
CA GLN A 517 -6.37 -14.19 0.34
C GLN A 517 -7.52 -13.26 0.74
N ALA A 518 -7.55 -12.87 2.03
CA ALA A 518 -8.53 -11.96 2.61
C ALA A 518 -8.43 -10.52 2.05
N MET A 519 -7.36 -10.21 1.32
CA MET A 519 -7.16 -8.88 0.77
C MET A 519 -7.91 -8.72 -0.54
N GLU A 520 -8.09 -9.83 -1.28
CA GLU A 520 -8.87 -9.89 -2.52
C GLU A 520 -10.28 -9.39 -2.18
N LEU A 521 -10.78 -9.72 -0.97
CA LEU A 521 -12.10 -9.33 -0.47
C LEU A 521 -12.18 -7.86 -0.01
N LEU A 522 -11.05 -7.14 0.03
CA LEU A 522 -11.10 -5.75 0.49
C LEU A 522 -10.99 -4.75 -0.66
N ASP A 523 -11.11 -5.21 -1.92
CA ASP A 523 -11.05 -4.33 -3.06
C ASP A 523 -12.43 -3.82 -3.44
N CYS A 524 -12.51 -3.11 -4.56
CA CYS A 524 -13.71 -2.50 -5.13
C CYS A 524 -14.80 -3.51 -5.57
N ASN A 525 -14.42 -4.81 -5.81
CA ASN A 525 -15.35 -5.87 -6.22
C ASN A 525 -16.24 -6.39 -5.08
N TYR A 526 -15.79 -6.27 -3.80
CA TYR A 526 -16.53 -6.79 -2.63
C TYR A 526 -16.98 -5.67 -1.66
N PRO A 527 -18.13 -4.99 -1.96
CA PRO A 527 -18.59 -3.89 -1.09
C PRO A 527 -19.32 -4.25 0.19
N ASP A 528 -19.90 -5.48 0.28
CA ASP A 528 -20.70 -5.96 1.42
C ASP A 528 -20.01 -5.80 2.76
N PRO A 529 -20.68 -5.20 3.76
CA PRO A 529 -20.04 -5.04 5.09
C PRO A 529 -19.64 -6.32 5.82
N MET A 530 -20.45 -7.40 5.75
CA MET A 530 -20.12 -8.64 6.46
C MET A 530 -18.98 -9.43 5.77
N VAL A 531 -18.85 -9.27 4.45
CA VAL A 531 -17.77 -9.88 3.67
C VAL A 531 -16.46 -9.18 4.04
N ARG A 532 -16.53 -7.84 4.18
CA ARG A 532 -15.43 -6.95 4.55
C ARG A 532 -15.01 -7.18 5.99
N GLY A 533 -16.00 -7.41 6.86
CA GLY A 533 -15.78 -7.68 8.28
C GLY A 533 -15.01 -8.97 8.53
N PHE A 534 -15.37 -10.02 7.79
CA PHE A 534 -14.69 -11.30 7.87
C PHE A 534 -13.21 -11.10 7.50
N ALA A 535 -12.96 -10.40 6.37
CA ALA A 535 -11.62 -10.07 5.87
C ALA A 535 -10.80 -9.31 6.92
N VAL A 536 -11.40 -8.36 7.68
CA VAL A 536 -10.68 -7.63 8.73
C VAL A 536 -10.26 -8.61 9.83
N ARG A 537 -11.22 -9.43 10.30
CA ARG A 537 -11.00 -10.47 11.31
C ARG A 537 -9.82 -11.39 10.96
N CYS A 538 -9.65 -11.75 9.66
CA CYS A 538 -8.54 -12.56 9.13
C CYS A 538 -7.19 -11.85 9.24
N LEU A 539 -7.15 -10.54 8.94
CA LEU A 539 -5.95 -9.71 9.05
C LEU A 539 -5.65 -9.49 10.53
N GLU A 540 -6.70 -9.34 11.37
CA GLU A 540 -6.56 -9.15 12.83
C GLU A 540 -5.84 -10.32 13.52
N LYS A 541 -6.19 -11.55 13.13
CA LYS A 541 -5.72 -12.81 13.66
C LYS A 541 -4.45 -13.32 12.97
N TYR A 542 -4.36 -13.19 11.65
CA TYR A 542 -3.23 -13.80 10.95
C TYR A 542 -2.16 -12.84 10.39
N LEU A 543 -2.50 -11.57 10.10
CA LEU A 543 -1.52 -10.62 9.54
C LEU A 543 -0.50 -10.13 10.58
N THR A 544 0.80 -10.40 10.33
CA THR A 544 1.91 -9.97 11.19
C THR A 544 2.08 -8.44 11.03
N ASP A 545 2.83 -7.80 11.96
CA ASP A 545 3.16 -6.37 11.89
C ASP A 545 4.14 -6.11 10.76
N ASP A 546 4.95 -7.12 10.41
CA ASP A 546 5.88 -7.05 9.29
C ASP A 546 5.10 -7.05 7.96
N LYS A 547 4.10 -7.95 7.81
CA LYS A 547 3.33 -8.00 6.57
C LYS A 547 2.41 -6.78 6.46
N LEU A 548 2.01 -6.21 7.60
CA LEU A 548 1.20 -5.00 7.64
C LEU A 548 1.98 -3.83 7.05
N SER A 549 3.29 -3.72 7.39
CA SER A 549 4.20 -2.72 6.84
C SER A 549 4.35 -2.89 5.32
N GLN A 550 4.32 -4.14 4.81
CA GLN A 550 4.44 -4.43 3.39
C GLN A 550 3.24 -3.94 2.60
N TYR A 551 2.03 -4.28 3.08
CA TYR A 551 0.80 -3.94 2.38
C TYR A 551 0.13 -2.67 2.89
N LEU A 552 0.88 -1.78 3.56
CA LEU A 552 0.33 -0.55 4.12
C LEU A 552 -0.19 0.37 3.04
N ILE A 553 0.45 0.36 1.85
CA ILE A 553 0.07 1.16 0.68
C ILE A 553 -1.34 0.76 0.22
N GLN A 554 -1.59 -0.53 -0.06
CA GLN A 554 -2.90 -1.05 -0.50
C GLN A 554 -3.94 -0.96 0.60
N LEU A 555 -3.55 -1.20 1.88
CA LEU A 555 -4.50 -1.17 3.00
C LEU A 555 -5.04 0.24 3.24
N VAL A 556 -4.17 1.28 3.14
CA VAL A 556 -4.52 2.70 3.26
C VAL A 556 -5.45 3.08 2.09
N GLN A 557 -5.19 2.51 0.90
CA GLN A 557 -5.95 2.77 -0.33
C GLN A 557 -7.36 2.23 -0.27
N VAL A 558 -7.51 0.99 0.24
CA VAL A 558 -8.82 0.32 0.28
C VAL A 558 -9.80 1.02 1.26
N LEU A 559 -9.27 1.89 2.15
CA LEU A 559 -10.10 2.69 3.05
C LEU A 559 -11.13 3.49 2.23
N LYS A 560 -10.69 4.06 1.10
CA LYS A 560 -11.49 4.86 0.19
C LYS A 560 -12.75 4.14 -0.31
N TYR A 561 -12.68 2.81 -0.51
CA TYR A 561 -13.82 2.01 -0.98
C TYR A 561 -14.90 1.83 0.07
N GLU A 562 -14.52 1.92 1.36
CA GLU A 562 -15.42 1.74 2.50
C GLU A 562 -16.56 2.78 2.47
N GLN A 563 -17.82 2.31 2.62
CA GLN A 563 -19.05 3.12 2.60
C GLN A 563 -19.13 4.16 3.71
N TYR A 564 -18.57 3.87 4.88
CA TYR A 564 -18.70 4.80 6.01
C TYR A 564 -17.37 5.18 6.66
N LEU A 565 -17.38 6.30 7.38
CA LEU A 565 -16.21 6.80 8.11
C LEU A 565 -15.78 5.79 9.17
N ASP A 566 -16.75 5.27 9.94
CA ASP A 566 -16.48 4.31 10.99
C ASP A 566 -16.73 2.89 10.51
N ASN A 567 -15.64 2.11 10.42
CA ASN A 567 -15.65 0.73 9.96
C ASN A 567 -14.62 -0.11 10.73
N LEU A 568 -14.55 -1.42 10.45
CA LEU A 568 -13.60 -2.27 11.15
C LEU A 568 -12.18 -2.09 10.60
N LEU A 569 -12.07 -1.98 9.26
CA LEU A 569 -10.78 -1.77 8.58
C LEU A 569 -10.02 -0.57 9.14
N VAL A 570 -10.67 0.60 9.25
CA VAL A 570 -10.10 1.82 9.81
C VAL A 570 -9.70 1.64 11.30
N ARG A 571 -10.51 0.91 12.09
CA ARG A 571 -10.26 0.70 13.52
C ARG A 571 -9.07 -0.23 13.71
N PHE A 572 -8.91 -1.20 12.79
CA PHE A 572 -7.82 -2.16 12.80
C PHE A 572 -6.52 -1.43 12.49
N LEU A 573 -6.55 -0.64 11.41
CA LEU A 573 -5.44 0.13 10.87
C LEU A 573 -4.99 1.22 11.83
N LEU A 574 -5.93 1.91 12.46
CA LEU A 574 -5.57 2.95 13.42
C LEU A 574 -4.99 2.32 14.67
N LYS A 575 -5.58 1.19 15.16
CA LYS A 575 -5.09 0.55 16.39
C LYS A 575 -3.63 0.20 16.23
N LYS A 576 -3.33 -0.47 15.12
CA LYS A 576 -2.00 -0.91 14.73
C LYS A 576 -1.05 0.27 14.57
N ALA A 577 -1.54 1.39 14.00
CA ALA A 577 -0.77 2.61 13.84
C ALA A 577 -0.46 3.26 15.18
N LEU A 578 -1.38 3.12 16.14
CA LEU A 578 -1.24 3.71 17.46
C LEU A 578 -0.59 2.77 18.47
N THR A 579 -0.18 1.57 18.02
CA THR A 579 0.50 0.52 18.82
C THR A 579 1.89 0.21 18.28
N ASN A 580 2.25 0.80 17.12
CA ASN A 580 3.56 0.61 16.46
C ASN A 580 3.96 1.91 15.72
N GLN A 581 4.83 2.73 16.35
CA GLN A 581 5.24 4.02 15.77
C GLN A 581 5.82 3.92 14.36
N ARG A 582 6.39 2.74 13.98
CA ARG A 582 6.92 2.50 12.62
C ARG A 582 5.75 2.37 11.61
N ILE A 583 4.69 1.64 11.99
CA ILE A 583 3.50 1.48 11.17
C ILE A 583 2.80 2.84 11.09
N GLY A 584 2.79 3.54 12.24
CA GLY A 584 2.17 4.85 12.36
C GLY A 584 2.80 5.89 11.46
N HIS A 585 4.16 5.89 11.40
CA HIS A 585 4.95 6.83 10.60
C HIS A 585 4.47 6.88 9.17
N PHE A 586 4.57 5.74 8.45
CA PHE A 586 4.15 5.61 7.04
C PHE A 586 2.65 5.71 6.92
N PHE A 587 1.89 5.19 7.88
CA PHE A 587 0.43 5.36 7.88
C PHE A 587 0.09 6.86 7.75
N PHE A 588 0.71 7.71 8.61
CA PHE A 588 0.53 9.17 8.60
C PHE A 588 0.88 9.74 7.23
N TRP A 589 2.11 9.44 6.73
CA TRP A 589 2.60 9.99 5.48
C TRP A 589 1.77 9.57 4.30
N HIS A 590 1.35 8.29 4.25
CA HIS A 590 0.48 7.76 3.19
C HIS A 590 -0.85 8.54 3.17
N LEU A 591 -1.38 8.92 4.35
CA LEU A 591 -2.64 9.68 4.42
C LEU A 591 -2.41 11.14 4.08
N LYS A 592 -1.34 11.76 4.65
CA LYS A 592 -0.98 13.16 4.47
C LYS A 592 -0.69 13.48 3.01
N SER A 593 -0.03 12.54 2.28
CA SER A 593 0.30 12.64 0.86
C SER A 593 -0.93 12.78 -0.05
N GLU A 594 -2.14 12.48 0.49
CA GLU A 594 -3.41 12.55 -0.25
C GLU A 594 -4.40 13.62 0.26
N MET A 595 -3.92 14.53 1.08
CA MET A 595 -4.76 15.57 1.64
C MET A 595 -5.20 16.61 0.62
N HIS A 596 -4.38 16.82 -0.42
CA HIS A 596 -4.66 17.74 -1.50
C HIS A 596 -5.91 17.28 -2.30
N ASN A 597 -6.07 15.94 -2.45
CA ASN A 597 -7.15 15.26 -3.15
C ASN A 597 -8.43 15.52 -2.37
N LYS A 598 -9.29 16.39 -2.89
CA LYS A 598 -10.51 16.75 -2.18
C LYS A 598 -11.56 15.62 -2.18
N THR A 599 -11.33 14.55 -2.96
CA THR A 599 -12.21 13.37 -3.05
C THR A 599 -12.11 12.53 -1.75
N VAL A 600 -10.91 12.53 -1.12
CA VAL A 600 -10.56 11.78 0.09
C VAL A 600 -10.15 12.65 1.29
N SER A 601 -9.80 13.94 1.05
CA SER A 601 -9.31 14.87 2.08
C SER A 601 -10.07 14.83 3.42
N GLN A 602 -11.41 14.66 3.41
CA GLN A 602 -12.21 14.65 4.65
C GLN A 602 -11.89 13.44 5.53
N ARG A 603 -12.15 12.23 4.97
CA ARG A 603 -11.93 10.92 5.56
C ARG A 603 -10.56 10.87 6.23
N PHE A 604 -9.50 11.16 5.45
CA PHE A 604 -8.10 11.17 5.89
C PHE A 604 -7.82 12.26 6.91
N GLY A 605 -8.51 13.40 6.81
CA GLY A 605 -8.37 14.54 7.71
C GLY A 605 -8.82 14.19 9.11
N LEU A 606 -9.93 13.44 9.18
CA LEU A 606 -10.51 12.96 10.42
C LEU A 606 -9.61 11.87 11.00
N LEU A 607 -9.12 10.98 10.13
CA LEU A 607 -8.24 9.90 10.52
C LEU A 607 -6.91 10.42 11.06
N LEU A 608 -6.36 11.48 10.42
CA LEU A 608 -5.09 12.04 10.88
C LEU A 608 -5.28 12.78 12.20
N GLU A 609 -6.51 13.23 12.50
CA GLU A 609 -6.85 13.89 13.76
C GLU A 609 -6.84 12.88 14.88
N SER A 610 -7.59 11.78 14.70
CA SER A 610 -7.64 10.69 15.68
C SER A 610 -6.25 10.14 15.90
N TYR A 611 -5.42 10.01 14.82
CA TYR A 611 -4.04 9.54 14.94
C TYR A 611 -3.18 10.51 15.73
N CYS A 612 -3.19 11.80 15.33
CA CYS A 612 -2.38 12.84 15.98
C CYS A 612 -2.73 13.09 17.44
N ARG A 613 -3.98 12.81 17.87
CA ARG A 613 -4.40 12.98 19.27
C ARG A 613 -3.74 11.96 20.21
N ALA A 614 -3.67 10.69 19.75
CA ALA A 614 -3.15 9.58 20.53
C ALA A 614 -1.76 9.02 20.12
N CYS A 615 -1.05 9.65 19.14
CA CYS A 615 0.27 9.16 18.71
C CYS A 615 1.37 9.44 19.73
N GLY A 616 1.16 10.46 20.56
CA GLY A 616 2.09 10.86 21.61
C GLY A 616 3.04 11.94 21.17
N MET A 617 4.21 11.97 21.80
CA MET A 617 5.30 12.94 21.58
C MET A 617 5.93 12.84 20.19
N TYR A 618 5.54 11.82 19.40
CA TYR A 618 6.01 11.67 18.03
C TYR A 618 5.41 12.75 17.16
N LEU A 619 4.26 13.35 17.56
CA LEU A 619 3.65 14.43 16.77
C LEU A 619 4.65 15.60 16.55
N LYS A 620 5.49 15.87 17.55
CA LYS A 620 6.50 16.90 17.49
C LYS A 620 7.52 16.55 16.39
N HIS A 621 7.95 15.26 16.32
CA HIS A 621 8.85 14.70 15.32
C HIS A 621 8.24 14.75 13.91
N LEU A 622 6.92 14.55 13.80
CA LEU A 622 6.20 14.63 12.54
C LEU A 622 6.15 16.07 12.10
N ASN A 623 5.97 17.01 13.05
CA ASN A 623 5.91 18.45 12.70
C ASN A 623 7.24 18.96 12.13
N ARG A 624 8.37 18.47 12.65
CA ARG A 624 9.68 18.83 12.12
C ARG A 624 9.84 18.38 10.67
N GLN A 625 9.32 17.18 10.36
CA GLN A 625 9.29 16.60 9.02
C GLN A 625 8.38 17.39 8.12
N VAL A 626 7.18 17.78 8.59
CA VAL A 626 6.22 18.56 7.80
C VAL A 626 6.81 19.95 7.42
N GLU A 627 7.42 20.66 8.42
CA GLU A 627 8.06 21.96 8.27
C GLU A 627 9.18 21.89 7.21
N ALA A 628 10.13 20.90 7.34
CA ALA A 628 11.20 20.71 6.36
C ALA A 628 10.63 20.41 4.96
N MET A 629 9.60 19.55 4.90
CA MET A 629 8.99 19.17 3.63
C MET A 629 8.35 20.38 2.96
N GLU A 630 7.69 21.28 3.72
CA GLU A 630 7.08 22.50 3.18
C GLU A 630 8.13 23.49 2.66
N LYS A 631 9.25 23.70 3.40
CA LYS A 631 10.36 24.59 3.04
C LYS A 631 11.02 24.12 1.74
N LEU A 632 11.16 22.79 1.57
CA LEU A 632 11.69 22.19 0.34
C LEU A 632 10.69 22.38 -0.79
N ILE A 633 9.37 22.22 -0.53
CA ILE A 633 8.34 22.48 -1.56
C ILE A 633 8.44 23.93 -1.99
N ASN A 634 8.30 24.89 -1.02
CA ASN A 634 8.36 26.36 -1.23
C ASN A 634 9.61 26.78 -1.99
N LEU A 635 10.78 26.23 -1.60
CA LEU A 635 12.04 26.50 -2.27
C LEU A 635 12.02 26.02 -3.72
N THR A 636 11.72 24.73 -3.95
CA THR A 636 11.66 24.16 -5.32
C THR A 636 10.55 24.82 -6.15
N ASP A 637 9.50 25.35 -5.49
CA ASP A 637 8.40 26.08 -6.13
C ASP A 637 8.96 27.37 -6.75
N ILE A 638 9.59 28.26 -5.92
CA ILE A 638 10.22 29.53 -6.35
C ILE A 638 11.23 29.28 -7.47
N LEU A 639 12.13 28.29 -7.28
CA LEU A 639 13.18 27.85 -8.22
C LEU A 639 12.61 27.39 -9.58
N LYS A 640 11.73 26.36 -9.61
CA LYS A 640 11.19 25.86 -10.88
C LYS A 640 10.01 26.73 -11.35
N GLN A 641 10.12 28.06 -11.11
CA GLN A 641 9.16 29.10 -11.51
C GLN A 641 9.88 30.39 -11.89
N GLU A 642 10.79 30.86 -11.01
CA GLU A 642 11.57 32.07 -11.17
C GLU A 642 12.94 31.86 -11.79
N LYS A 643 13.51 30.66 -11.66
CA LYS A 643 14.85 30.38 -12.21
C LYS A 643 14.92 29.13 -13.11
N LYS A 644 13.75 28.61 -13.57
CA LYS A 644 13.63 27.38 -14.38
C LYS A 644 14.43 27.35 -15.70
N ASP A 645 14.24 28.36 -16.57
CA ASP A 645 14.90 28.44 -17.88
C ASP A 645 16.35 28.98 -17.81
N GLU A 646 16.75 29.52 -16.63
CA GLU A 646 18.09 30.02 -16.31
C GLU A 646 19.12 28.88 -16.24
N THR A 647 20.40 29.21 -16.29
CA THR A 647 21.49 28.22 -16.22
C THR A 647 21.54 27.55 -14.85
N GLN A 648 22.11 26.35 -14.82
CA GLN A 648 22.33 25.54 -13.62
C GLN A 648 23.18 26.29 -12.60
N LYS A 649 24.18 27.07 -13.05
CA LYS A 649 25.06 27.86 -12.19
C LYS A 649 24.27 28.95 -11.48
N VAL A 650 23.28 29.55 -12.16
CA VAL A 650 22.37 30.60 -11.62
C VAL A 650 21.39 29.98 -10.57
N GLN A 651 20.76 28.84 -10.93
CA GLN A 651 19.83 28.07 -10.09
C GLN A 651 20.55 27.70 -8.77
N MET A 652 21.80 27.21 -8.88
CA MET A 652 22.67 26.85 -7.77
C MET A 652 23.06 28.05 -6.91
N LYS A 653 23.42 29.18 -7.57
CA LYS A 653 23.75 30.46 -6.92
C LYS A 653 22.56 30.86 -6.05
N PHE A 654 21.35 30.75 -6.60
CA PHE A 654 20.11 31.09 -5.94
C PHE A 654 19.81 30.13 -4.80
N LEU A 655 20.01 28.81 -5.04
CA LEU A 655 19.76 27.72 -4.09
C LEU A 655 20.58 27.89 -2.84
N VAL A 656 21.90 28.11 -2.99
CA VAL A 656 22.81 28.35 -1.87
C VAL A 656 22.38 29.59 -1.07
N GLU A 657 22.15 30.71 -1.76
CA GLU A 657 21.69 31.97 -1.17
C GLU A 657 20.41 31.78 -0.34
N GLN A 658 19.45 30.98 -0.86
CA GLN A 658 18.17 30.70 -0.22
C GLN A 658 18.26 29.68 0.94
N MET A 659 19.01 28.58 0.75
CA MET A 659 19.16 27.56 1.78
C MET A 659 19.91 28.08 3.02
N ARG A 660 20.77 29.11 2.82
CA ARG A 660 21.56 29.75 3.87
C ARG A 660 20.75 30.72 4.74
N ARG A 661 19.45 30.89 4.43
CA ARG A 661 18.54 31.75 5.20
C ARG A 661 18.25 31.12 6.58
N PRO A 662 18.18 31.92 7.69
CA PRO A 662 18.01 31.32 9.03
C PRO A 662 16.81 30.40 9.20
N ASP A 663 15.65 30.80 8.67
CA ASP A 663 14.42 30.02 8.73
C ASP A 663 14.52 28.70 7.95
N PHE A 664 15.23 28.71 6.80
CA PHE A 664 15.41 27.49 6.00
C PHE A 664 16.43 26.54 6.64
N MET A 665 17.54 27.10 7.16
CA MET A 665 18.63 26.38 7.84
C MET A 665 18.08 25.46 8.92
N ASP A 666 17.42 26.04 9.95
CA ASP A 666 16.92 25.30 11.10
C ASP A 666 15.68 24.43 10.84
N ALA A 667 14.87 24.72 9.79
CA ALA A 667 13.73 23.85 9.47
C ALA A 667 14.20 22.52 8.89
N LEU A 668 15.35 22.52 8.22
CA LEU A 668 15.95 21.37 7.54
C LEU A 668 17.15 20.73 8.23
N GLN A 669 17.36 21.04 9.49
CA GLN A 669 18.47 20.47 10.22
C GLN A 669 17.98 19.96 11.57
N GLY A 670 18.34 18.74 11.93
CA GLY A 670 17.93 18.14 13.19
C GLY A 670 16.49 17.65 13.19
N PHE A 671 16.20 16.63 12.37
CA PHE A 671 14.88 16.01 12.22
C PHE A 671 15.00 14.57 11.66
N LEU A 672 13.97 13.75 11.81
CA LEU A 672 14.01 12.36 11.33
C LEU A 672 13.68 12.30 9.86
N SER A 673 14.33 11.42 9.13
CA SER A 673 14.03 11.29 7.71
C SER A 673 12.68 10.62 7.50
N PRO A 674 11.76 11.23 6.71
CA PRO A 674 10.49 10.55 6.41
C PRO A 674 10.64 9.20 5.68
N LEU A 675 11.81 8.89 5.09
CA LEU A 675 12.07 7.65 4.34
C LEU A 675 12.27 6.40 5.21
N ASN A 676 12.78 6.61 6.42
CA ASN A 676 13.09 5.60 7.43
C ASN A 676 13.25 6.47 8.67
N PRO A 677 12.17 6.58 9.49
CA PRO A 677 12.22 7.50 10.65
C PRO A 677 13.31 7.21 11.66
N ALA A 678 13.90 5.99 11.60
CA ALA A 678 15.01 5.51 12.44
C ALA A 678 16.34 6.16 12.05
N HIS A 679 16.36 6.95 10.94
CA HIS A 679 17.54 7.70 10.49
C HIS A 679 17.44 9.17 10.87
N GLN A 680 18.33 9.61 11.77
CA GLN A 680 18.44 11.02 12.16
C GLN A 680 19.16 11.82 11.07
N LEU A 681 18.60 13.01 10.75
CA LEU A 681 19.15 13.97 9.78
C LEU A 681 19.61 15.20 10.57
N GLY A 682 20.93 15.33 10.75
CA GLY A 682 21.53 16.43 11.50
C GLY A 682 21.78 17.67 10.66
N ASN A 683 23.05 18.06 10.57
CA ASN A 683 23.46 19.24 9.81
C ASN A 683 23.49 18.94 8.34
N LEU A 684 23.28 19.97 7.53
CA LEU A 684 23.31 19.86 6.08
C LEU A 684 24.69 20.08 5.58
N ARG A 685 25.16 19.23 4.64
CA ARG A 685 26.43 19.37 3.95
C ARG A 685 26.08 20.09 2.63
N LEU A 686 25.97 21.44 2.67
CA LEU A 686 25.59 22.29 1.51
C LEU A 686 26.55 22.18 0.34
N GLU A 687 27.81 21.88 0.65
CA GLU A 687 28.87 21.65 -0.33
C GLU A 687 28.54 20.39 -1.14
N GLU A 688 27.61 19.57 -0.61
CA GLU A 688 27.18 18.31 -1.22
C GLU A 688 25.71 18.36 -1.69
N CYS A 689 25.00 19.48 -1.41
CA CYS A 689 23.61 19.73 -1.80
C CYS A 689 23.58 20.43 -3.16
N ARG A 690 22.98 19.76 -4.17
CA ARG A 690 22.97 20.26 -5.55
C ARG A 690 21.71 19.93 -6.34
N ILE A 691 21.47 20.72 -7.42
CA ILE A 691 20.37 20.48 -8.35
C ILE A 691 20.95 19.45 -9.31
N MET A 692 20.18 18.40 -9.61
CA MET A 692 20.67 17.32 -10.45
C MET A 692 20.55 17.63 -11.93
N SER A 693 21.39 16.94 -12.72
CA SER A 693 21.42 17.03 -14.17
C SER A 693 20.19 16.33 -14.77
N SER A 694 19.64 15.34 -14.03
CA SER A 694 18.46 14.54 -14.38
C SER A 694 17.18 15.39 -14.63
N ALA A 695 16.15 14.76 -15.23
CA ALA A 695 14.85 15.38 -15.55
C ALA A 695 14.10 15.93 -14.34
N LYS A 696 13.23 16.95 -14.55
CA LYS A 696 12.39 17.64 -13.54
C LYS A 696 13.20 18.40 -12.48
N ARG A 697 14.57 18.35 -12.57
CA ARG A 697 15.56 19.02 -11.70
C ARG A 697 15.43 18.57 -10.23
N PRO A 698 15.78 17.29 -9.89
CA PRO A 698 15.63 16.85 -8.50
C PRO A 698 16.70 17.47 -7.60
N LEU A 699 16.39 17.57 -6.31
CA LEU A 699 17.30 18.19 -5.37
C LEU A 699 18.04 17.12 -4.62
N TRP A 700 19.34 17.01 -4.86
CA TRP A 700 20.17 16.06 -4.17
C TRP A 700 20.59 16.71 -2.84
N LEU A 701 20.07 16.19 -1.69
CA LEU A 701 20.34 16.68 -0.34
C LEU A 701 21.22 15.75 0.49
N ASN A 702 22.16 16.34 1.21
CA ASN A 702 23.08 15.58 2.05
C ASN A 702 23.00 16.11 3.47
N TRP A 703 22.97 15.19 4.46
CA TRP A 703 22.91 15.50 5.88
C TRP A 703 23.87 14.61 6.65
N GLU A 704 24.64 15.23 7.54
CA GLU A 704 25.54 14.61 8.49
C GLU A 704 24.65 13.67 9.41
N ASN A 705 25.13 12.45 9.76
CA ASN A 705 24.37 11.51 10.62
C ASN A 705 24.79 11.80 12.05
N PRO A 706 23.91 12.36 12.91
CA PRO A 706 24.35 12.78 14.25
C PRO A 706 24.61 11.65 15.25
N ASP A 707 24.37 10.39 14.83
CA ASP A 707 24.60 9.20 15.65
C ASP A 707 26.06 9.15 16.07
N ILE A 708 26.32 8.83 17.35
CA ILE A 708 27.67 8.80 17.91
C ILE A 708 28.56 7.70 17.27
N MET A 709 27.92 6.72 16.58
CA MET A 709 28.57 5.60 15.90
C MET A 709 28.13 5.55 14.42
N SER A 710 28.00 6.74 13.79
CA SER A 710 27.62 6.97 12.39
C SER A 710 28.61 6.31 11.43
N GLU A 711 29.91 6.35 11.78
CA GLU A 711 31.04 5.76 11.02
C GLU A 711 30.93 4.25 10.76
N LEU A 712 29.95 3.59 11.39
CA LEU A 712 29.71 2.16 11.27
C LEU A 712 28.46 1.84 10.44
N LEU A 713 27.85 2.85 9.78
CA LEU A 713 26.66 2.64 8.96
C LEU A 713 26.68 3.54 7.73
N PHE A 714 26.88 4.85 7.96
CA PHE A 714 27.02 5.92 6.97
C PHE A 714 27.22 7.20 7.76
N GLN A 715 28.26 7.97 7.43
CA GLN A 715 28.54 9.23 8.10
C GLN A 715 27.55 10.28 7.60
N ASN A 716 27.06 10.08 6.36
CA ASN A 716 26.15 10.97 5.65
C ASN A 716 24.91 10.26 5.11
N ASN A 717 23.80 10.99 5.11
CA ASN A 717 22.50 10.57 4.63
C ASN A 717 22.14 11.42 3.41
N GLU A 718 21.80 10.77 2.29
CA GLU A 718 21.47 11.47 1.05
C GLU A 718 20.10 11.12 0.56
N ILE A 719 19.29 12.17 0.31
CA ILE A 719 17.91 12.07 -0.16
C ILE A 719 17.73 12.93 -1.41
N ILE A 720 16.90 12.44 -2.35
CA ILE A 720 16.58 13.14 -3.57
C ILE A 720 15.16 13.67 -3.41
N PHE A 721 14.99 14.99 -3.45
CA PHE A 721 13.68 15.63 -3.32
C PHE A 721 13.14 15.95 -4.72
N LYS A 722 12.06 15.28 -5.12
CA LYS A 722 11.42 15.50 -6.42
C LYS A 722 10.12 16.30 -6.26
N ASN A 723 9.99 17.37 -7.06
CA ASN A 723 8.80 18.21 -7.10
C ASN A 723 8.38 18.32 -8.54
N GLY A 724 7.29 17.66 -8.89
CA GLY A 724 6.77 17.73 -10.23
C GLY A 724 6.35 16.41 -10.82
N ASP A 725 6.97 15.32 -10.39
CA ASP A 725 6.64 13.99 -10.89
C ASP A 725 5.82 13.20 -9.88
N ASP A 726 4.92 12.37 -10.40
CA ASP A 726 4.08 11.46 -9.61
C ASP A 726 5.02 10.33 -9.16
N LEU A 727 4.96 9.92 -7.87
CA LEU A 727 5.87 8.89 -7.34
C LEU A 727 5.16 7.62 -6.87
N ARG A 728 3.83 7.61 -6.98
CA ARG A 728 2.96 6.50 -6.58
C ARG A 728 3.26 5.23 -7.39
N GLN A 729 3.58 5.41 -8.68
CA GLN A 729 3.91 4.36 -9.61
C GLN A 729 5.26 3.72 -9.25
N ASP A 730 6.28 4.55 -8.95
CA ASP A 730 7.62 4.13 -8.52
C ASP A 730 7.48 3.43 -7.15
N MET A 731 6.60 3.94 -6.27
CA MET A 731 6.36 3.36 -4.95
C MET A 731 5.83 1.95 -5.04
N LEU A 732 4.78 1.71 -5.87
CA LEU A 732 4.17 0.38 -6.10
C LEU A 732 5.18 -0.59 -6.72
N THR A 733 5.88 -0.16 -7.78
CA THR A 733 6.89 -0.98 -8.45
C THR A 733 7.91 -1.50 -7.46
N LEU A 734 8.51 -0.60 -6.65
CA LEU A 734 9.46 -0.96 -5.61
C LEU A 734 8.84 -1.82 -4.48
N GLN A 735 7.52 -1.71 -4.23
CA GLN A 735 6.85 -2.56 -3.23
C GLN A 735 6.79 -3.96 -3.84
N ILE A 736 6.41 -4.05 -5.13
CA ILE A 736 6.29 -5.32 -5.82
C ILE A 736 7.64 -5.99 -5.95
N ILE A 737 8.68 -5.24 -6.35
CA ILE A 737 10.07 -5.70 -6.47
C ILE A 737 10.50 -6.37 -5.16
N ARG A 738 10.26 -5.66 -4.00
CA ARG A 738 10.62 -6.15 -2.68
CA ARG A 738 10.59 -6.12 -2.65
C ARG A 738 9.95 -7.46 -2.35
N ILE A 739 8.66 -7.63 -2.76
CA ILE A 739 7.83 -8.84 -2.61
C ILE A 739 8.36 -9.97 -3.51
N MET A 740 8.72 -9.66 -4.77
CA MET A 740 9.28 -10.64 -5.71
C MET A 740 10.59 -11.20 -5.17
N GLU A 741 11.44 -10.31 -4.60
CA GLU A 741 12.72 -10.65 -3.98
C GLU A 741 12.50 -11.61 -2.79
N ASN A 742 11.54 -11.30 -1.87
CA ASN A 742 11.25 -12.16 -0.72
C ASN A 742 10.82 -13.55 -1.17
N ILE A 743 9.88 -13.63 -2.16
CA ILE A 743 9.41 -14.90 -2.74
C ILE A 743 10.63 -15.73 -3.17
N TRP A 744 11.55 -15.11 -3.95
CA TRP A 744 12.77 -15.73 -4.45
C TRP A 744 13.73 -16.18 -3.37
N GLN A 745 14.00 -15.31 -2.36
CA GLN A 745 14.90 -15.64 -1.25
C GLN A 745 14.40 -16.84 -0.42
N ASN A 746 13.12 -16.82 0.00
CA ASN A 746 12.51 -17.91 0.75
C ASN A 746 12.59 -19.22 -0.06
N GLN A 747 12.23 -19.17 -1.37
CA GLN A 747 12.23 -20.30 -2.32
C GLN A 747 13.62 -20.89 -2.64
N GLY A 748 14.68 -20.22 -2.18
CA GLY A 748 16.05 -20.65 -2.37
C GLY A 748 16.84 -20.07 -3.52
N LEU A 749 16.37 -18.99 -4.16
CA LEU A 749 17.14 -18.35 -5.24
C LEU A 749 17.59 -16.97 -4.80
N ASP A 750 18.92 -16.73 -4.89
CA ASP A 750 19.56 -15.51 -4.43
C ASP A 750 19.74 -14.50 -5.56
N LEU A 751 18.61 -13.89 -5.97
CA LEU A 751 18.56 -12.83 -6.99
C LEU A 751 18.45 -11.51 -6.21
N ARG A 752 19.59 -10.83 -6.02
CA ARG A 752 19.66 -9.61 -5.23
C ARG A 752 19.05 -8.43 -5.94
N MET A 753 17.93 -7.94 -5.38
CA MET A 753 17.22 -6.78 -5.92
C MET A 753 17.52 -5.59 -5.05
N LEU A 754 17.41 -4.38 -5.62
CA LEU A 754 17.62 -3.16 -4.86
C LEU A 754 16.35 -2.33 -4.82
N PRO A 755 15.41 -2.65 -3.90
CA PRO A 755 14.20 -1.84 -3.79
C PRO A 755 14.50 -0.66 -2.85
N TYR A 756 15.17 0.37 -3.43
CA TYR A 756 15.56 1.62 -2.76
C TYR A 756 14.28 2.30 -2.29
N GLY A 757 14.40 3.05 -1.20
CA GLY A 757 13.24 3.70 -0.62
C GLY A 757 12.73 4.86 -1.43
N CYS A 758 11.43 4.89 -1.64
CA CYS A 758 10.73 5.95 -2.36
C CYS A 758 9.42 6.21 -1.63
N LEU A 759 9.07 7.49 -1.36
CA LEU A 759 7.85 7.86 -0.63
C LEU A 759 7.21 9.13 -1.21
N SER A 760 5.95 9.04 -1.69
CA SER A 760 5.22 10.21 -2.14
C SER A 760 4.77 10.98 -0.87
N ILE A 761 4.98 12.31 -0.82
CA ILE A 761 4.63 13.11 0.36
C ILE A 761 3.54 14.16 0.10
N GLY A 762 3.02 14.20 -1.12
CA GLY A 762 1.97 15.14 -1.48
C GLY A 762 1.63 15.10 -2.95
N ASP A 763 1.15 16.24 -3.49
CA ASP A 763 0.82 16.31 -4.90
C ASP A 763 2.07 16.46 -5.75
N CYS A 764 2.51 15.32 -6.30
CA CYS A 764 3.67 15.12 -7.15
C CYS A 764 4.96 15.60 -6.52
N VAL A 765 5.02 15.47 -5.23
CA VAL A 765 6.21 15.71 -4.42
C VAL A 765 6.59 14.38 -3.81
N GLY A 766 7.86 14.21 -3.45
CA GLY A 766 8.33 12.98 -2.87
C GLY A 766 9.81 12.93 -2.55
N LEU A 767 10.23 11.80 -1.94
CA LEU A 767 11.62 11.53 -1.58
C LEU A 767 12.07 10.21 -2.18
N ILE A 768 13.38 10.09 -2.47
CA ILE A 768 14.03 8.92 -3.04
C ILE A 768 15.35 8.72 -2.30
N GLU A 769 15.57 7.48 -1.82
CA GLU A 769 16.77 7.01 -1.15
C GLU A 769 17.92 6.99 -2.16
N VAL A 770 19.06 7.60 -1.77
CA VAL A 770 20.25 7.61 -2.60
C VAL A 770 20.99 6.29 -2.36
N VAL A 771 21.24 5.55 -3.46
CA VAL A 771 21.98 4.29 -3.47
C VAL A 771 23.47 4.67 -3.49
N ARG A 772 24.20 4.34 -2.39
CA ARG A 772 25.62 4.64 -2.23
C ARG A 772 26.50 3.90 -3.23
N ASN A 773 27.48 4.63 -3.82
CA ASN A 773 28.49 4.14 -4.78
C ASN A 773 27.88 3.54 -6.06
N SER A 774 26.91 4.26 -6.66
CA SER A 774 26.24 3.80 -7.88
C SER A 774 26.31 4.83 -9.02
N HIS A 775 26.27 4.35 -10.27
CA HIS A 775 26.37 5.16 -11.48
C HIS A 775 25.41 4.58 -12.52
N THR A 776 24.92 5.42 -13.45
CA THR A 776 24.04 4.96 -14.53
C THR A 776 24.82 4.18 -15.60
N ILE A 777 24.14 3.50 -16.52
CA ILE A 777 24.78 2.72 -17.59
C ILE A 777 25.59 3.66 -18.52
N MET A 778 25.00 4.83 -18.90
CA MET A 778 25.63 5.86 -19.73
C MET A 778 26.97 6.35 -19.12
N GLN A 779 26.94 6.75 -17.83
CA GLN A 779 28.08 7.20 -17.04
C GLN A 779 29.29 6.24 -17.10
N ILE A 780 29.02 4.92 -17.19
CA ILE A 780 30.03 3.86 -17.31
C ILE A 780 30.57 3.81 -18.76
N GLN A 781 29.64 3.72 -19.74
CA GLN A 781 29.89 3.61 -21.18
C GLN A 781 30.73 4.73 -21.78
N CYS A 782 30.66 5.92 -21.16
CA CYS A 782 31.39 7.12 -21.58
C CYS A 782 32.76 7.18 -20.94
N LYS A 783 32.80 7.08 -19.60
CA LYS A 783 33.96 7.24 -18.69
C LYS A 783 34.16 8.76 -18.53
N GLY A 784 33.13 9.51 -18.95
CA GLY A 784 33.08 10.97 -18.97
C GLY A 784 32.42 11.47 -20.24
N GLY A 785 33.10 11.25 -21.38
CA GLY A 785 32.65 11.63 -22.71
C GLY A 785 33.66 11.39 -23.83
N LEU A 786 34.73 10.62 -23.53
CA LEU A 786 35.85 10.27 -24.41
C LEU A 786 35.53 9.24 -25.54
N LYS A 787 34.25 8.81 -25.67
CA LYS A 787 33.82 7.79 -26.64
C LYS A 787 32.74 8.27 -27.64
N GLY A 788 31.47 8.35 -27.19
CA GLY A 788 30.34 8.73 -28.02
C GLY A 788 29.39 7.58 -28.27
N ALA A 789 28.11 7.90 -28.62
CA ALA A 789 27.01 6.95 -28.87
C ALA A 789 27.29 5.86 -29.95
N LEU A 790 28.06 6.19 -31.01
CA LEU A 790 28.45 5.26 -32.09
C LEU A 790 29.66 4.44 -31.66
N GLN A 791 30.71 5.13 -31.16
CA GLN A 791 31.99 4.54 -30.72
C GLN A 791 31.88 3.68 -29.44
N PHE A 792 30.65 3.55 -28.87
CA PHE A 792 30.36 2.74 -27.67
C PHE A 792 30.68 1.26 -27.90
N ASN A 793 31.87 0.84 -27.45
CA ASN A 793 32.31 -0.55 -27.57
C ASN A 793 31.56 -1.37 -26.51
N SER A 794 31.02 -2.51 -26.94
CA SER A 794 30.22 -3.41 -26.11
C SER A 794 30.92 -3.95 -24.84
N HIS A 795 32.26 -4.04 -24.85
CA HIS A 795 33.04 -4.58 -23.72
C HIS A 795 33.37 -3.55 -22.61
N THR A 796 33.06 -2.25 -22.84
CA THR A 796 33.33 -1.11 -21.93
C THR A 796 32.79 -1.32 -20.51
N LEU A 797 31.55 -1.82 -20.40
CA LEU A 797 30.86 -2.08 -19.14
C LEU A 797 31.67 -3.03 -18.23
N HIS A 798 32.04 -4.22 -18.77
CA HIS A 798 32.82 -5.28 -18.12
C HIS A 798 34.17 -4.79 -17.63
N GLN A 799 34.81 -3.92 -18.43
CA GLN A 799 36.12 -3.33 -18.15
C GLN A 799 36.08 -2.46 -16.90
N TRP A 800 35.06 -1.57 -16.79
CA TRP A 800 34.89 -0.71 -15.60
C TRP A 800 34.74 -1.58 -14.35
N LEU A 801 33.89 -2.61 -14.42
CA LEU A 801 33.63 -3.56 -13.35
C LEU A 801 34.91 -4.29 -12.97
N LYS A 802 35.69 -4.71 -14.00
CA LYS A 802 36.98 -5.41 -13.86
C LYS A 802 37.98 -4.55 -13.11
N ASP A 803 38.05 -3.23 -13.43
CA ASP A 803 38.95 -2.31 -12.76
C ASP A 803 38.55 -2.06 -11.29
N LYS A 804 37.24 -2.13 -10.98
CA LYS A 804 36.72 -1.94 -9.63
C LYS A 804 36.95 -3.16 -8.72
N ASN A 805 36.76 -4.38 -9.28
CA ASN A 805 36.88 -5.66 -8.54
C ASN A 805 37.90 -6.62 -9.19
N LYS A 806 39.00 -6.93 -8.46
CA LYS A 806 40.08 -7.79 -8.93
C LYS A 806 40.49 -8.83 -7.88
N GLY A 807 40.75 -10.05 -8.34
CA GLY A 807 41.15 -11.17 -7.50
C GLY A 807 39.96 -12.00 -7.07
N GLU A 808 39.86 -12.28 -5.75
CA GLU A 808 38.74 -13.03 -5.14
C GLU A 808 37.47 -12.13 -5.09
N ILE A 809 37.66 -10.83 -5.41
CA ILE A 809 36.64 -9.78 -5.46
C ILE A 809 35.90 -9.84 -6.82
N TYR A 810 36.63 -10.10 -7.92
CA TYR A 810 36.09 -10.15 -9.30
C TYR A 810 34.99 -11.21 -9.51
N ASP A 811 35.21 -12.45 -9.03
CA ASP A 811 34.26 -13.55 -9.22
C ASP A 811 32.93 -13.33 -8.51
N ALA A 812 32.96 -12.65 -7.34
CA ALA A 812 31.75 -12.30 -6.58
C ALA A 812 30.95 -11.24 -7.37
N ALA A 813 31.65 -10.18 -7.86
CA ALA A 813 31.08 -9.07 -8.63
C ALA A 813 30.28 -9.50 -9.86
N ILE A 814 30.82 -10.45 -10.66
CA ILE A 814 30.16 -10.98 -11.87
C ILE A 814 28.91 -11.73 -11.49
N ASP A 815 28.99 -12.49 -10.37
CA ASP A 815 27.91 -13.29 -9.82
C ASP A 815 26.79 -12.37 -9.35
N LEU A 816 27.14 -11.33 -8.59
CA LEU A 816 26.21 -10.32 -8.09
C LEU A 816 25.52 -9.60 -9.25
N PHE A 817 26.25 -9.36 -10.35
CA PHE A 817 25.73 -8.70 -11.55
C PHE A 817 24.70 -9.57 -12.25
N THR A 818 25.08 -10.84 -12.55
CA THR A 818 24.24 -11.82 -13.26
C THR A 818 22.93 -12.07 -12.50
N ARG A 819 23.02 -12.13 -11.15
CA ARG A 819 21.90 -12.35 -10.23
C ARG A 819 20.91 -11.19 -10.25
N SER A 820 21.40 -9.93 -10.06
CA SER A 820 20.58 -8.73 -10.11
C SER A 820 20.05 -8.54 -11.53
N CYS A 821 20.83 -8.99 -12.50
CA CYS A 821 20.46 -8.94 -13.90
C CYS A 821 19.29 -9.87 -14.18
N ALA A 822 19.38 -11.11 -13.69
CA ALA A 822 18.35 -12.13 -13.85
C ALA A 822 17.01 -11.73 -13.17
N GLY A 823 17.11 -11.11 -12.01
CA GLY A 823 15.95 -10.67 -11.25
C GLY A 823 15.19 -9.55 -11.93
N TYR A 824 15.94 -8.52 -12.40
CA TYR A 824 15.35 -7.36 -13.06
C TYR A 824 14.84 -7.68 -14.46
N CYS A 825 15.41 -8.70 -15.15
CA CYS A 825 14.94 -9.18 -16.46
C CYS A 825 13.52 -9.71 -16.31
N VAL A 826 13.35 -10.60 -15.33
CA VAL A 826 12.13 -11.27 -14.99
C VAL A 826 11.11 -10.29 -14.47
N ALA A 827 11.53 -9.41 -13.50
CA ALA A 827 10.65 -8.40 -12.88
C ALA A 827 10.08 -7.45 -13.92
N THR A 828 10.93 -6.79 -14.73
CA THR A 828 10.51 -5.85 -15.78
C THR A 828 9.64 -6.48 -16.85
N PHE A 829 9.92 -7.75 -17.23
CA PHE A 829 9.15 -8.48 -18.22
C PHE A 829 7.71 -8.72 -17.72
N ILE A 830 7.53 -9.36 -16.52
CA ILE A 830 6.21 -9.66 -15.92
C ILE A 830 5.39 -8.38 -15.80
N LEU A 831 5.92 -7.41 -15.03
CA LEU A 831 5.31 -6.10 -14.73
C LEU A 831 5.05 -5.21 -15.93
N GLY A 832 5.71 -5.51 -17.05
CA GLY A 832 5.58 -4.73 -18.28
C GLY A 832 6.27 -3.39 -18.25
N ILE A 833 7.35 -3.27 -17.43
CA ILE A 833 8.10 -2.01 -17.29
C ILE A 833 8.90 -1.77 -18.56
N GLY A 834 8.33 -0.95 -19.43
CA GLY A 834 8.91 -0.57 -20.70
C GLY A 834 9.68 0.74 -20.65
N ASP A 835 10.20 1.15 -21.84
CA ASP A 835 10.99 2.36 -22.06
C ASP A 835 12.19 2.41 -21.08
N ARG A 836 13.08 1.39 -21.19
CA ARG A 836 14.29 1.21 -20.37
C ARG A 836 15.53 1.54 -21.19
N HIS A 837 16.49 2.28 -20.61
CA HIS A 837 17.72 2.67 -21.30
C HIS A 837 18.88 2.90 -20.34
N ASN A 838 19.96 3.53 -20.84
CA ASN A 838 21.23 3.83 -20.16
C ASN A 838 21.12 4.76 -18.95
N SER A 839 20.04 5.57 -18.93
CA SER A 839 19.75 6.52 -17.86
C SER A 839 18.59 6.04 -16.92
N ASN A 840 18.18 4.76 -17.09
CA ASN A 840 17.12 4.03 -16.39
C ASN A 840 17.70 2.85 -15.63
N ILE A 841 18.85 2.37 -16.07
CA ILE A 841 19.53 1.24 -15.45
C ILE A 841 20.78 1.78 -14.75
N MET A 842 21.12 1.18 -13.62
CA MET A 842 22.25 1.58 -12.80
C MET A 842 23.01 0.36 -12.31
N VAL A 843 24.27 0.57 -11.86
CA VAL A 843 25.16 -0.46 -11.34
C VAL A 843 25.88 0.13 -10.15
N LYS A 844 26.09 -0.68 -9.14
CA LYS A 844 26.87 -0.31 -7.98
C LYS A 844 28.32 -0.75 -8.23
N ASP A 845 29.26 -0.18 -7.46
CA ASP A 845 30.72 -0.46 -7.46
C ASP A 845 31.01 -1.97 -7.35
N ASP A 846 30.14 -2.71 -6.63
CA ASP A 846 30.26 -4.15 -6.41
C ASP A 846 29.60 -4.99 -7.51
N GLY A 847 29.14 -4.33 -8.56
CA GLY A 847 28.51 -4.98 -9.70
C GLY A 847 27.02 -5.22 -9.58
N GLN A 848 26.38 -4.77 -8.48
CA GLN A 848 24.94 -4.95 -8.33
C GLN A 848 24.15 -4.01 -9.22
N LEU A 849 23.34 -4.60 -10.10
CA LEU A 849 22.49 -3.87 -11.03
C LEU A 849 21.13 -3.54 -10.37
N PHE A 850 20.54 -2.39 -10.77
CA PHE A 850 19.21 -1.92 -10.34
C PHE A 850 18.62 -0.97 -11.36
N HIS A 851 17.32 -0.78 -11.30
CA HIS A 851 16.59 0.10 -12.20
C HIS A 851 16.02 1.28 -11.44
N ILE A 852 16.02 2.44 -12.10
CA ILE A 852 15.49 3.68 -11.53
C ILE A 852 14.34 4.18 -12.40
N ASP A 853 13.62 5.22 -11.94
CA ASP A 853 12.49 5.92 -12.57
C ASP A 853 11.55 4.99 -13.34
N PHE A 854 10.55 4.41 -12.67
CA PHE A 854 9.60 3.51 -13.33
C PHE A 854 8.54 4.35 -14.02
N GLY A 855 8.93 4.84 -15.19
CA GLY A 855 8.14 5.70 -16.06
C GLY A 855 6.76 5.15 -16.34
N HIS A 856 6.72 3.93 -16.89
CA HIS A 856 5.46 3.24 -17.19
C HIS A 856 5.56 1.73 -16.97
N PHE A 857 4.39 1.09 -16.74
CA PHE A 857 4.25 -0.35 -16.56
C PHE A 857 2.92 -0.85 -17.09
N LEU A 858 2.89 -2.11 -17.57
CA LEU A 858 1.76 -2.87 -18.15
C LEU A 858 1.51 -2.56 -19.65
N ASP A 859 1.93 -1.37 -20.14
CA ASP A 859 1.78 -0.94 -21.52
C ASP A 859 3.00 -1.30 -22.39
N ARG A 871 5.70 -8.67 -26.82
CA ARG A 871 6.55 -7.56 -26.41
C ARG A 871 7.46 -7.94 -25.23
N VAL A 872 8.76 -7.60 -25.34
CA VAL A 872 9.78 -7.84 -24.29
C VAL A 872 10.11 -6.48 -23.65
N PRO A 873 9.56 -6.20 -22.44
CA PRO A 873 9.78 -4.89 -21.78
C PRO A 873 11.24 -4.53 -21.44
N PHE A 874 12.14 -5.54 -21.40
CA PHE A 874 13.59 -5.39 -21.19
C PHE A 874 14.32 -6.53 -21.91
N VAL A 875 14.81 -6.21 -23.12
CA VAL A 875 15.55 -7.12 -24.01
C VAL A 875 17.03 -7.09 -23.58
N LEU A 876 17.68 -8.27 -23.60
CA LEU A 876 19.07 -8.44 -23.20
C LEU A 876 20.06 -7.76 -24.15
N THR A 877 20.75 -6.72 -23.64
CA THR A 877 21.75 -5.99 -24.42
C THR A 877 23.08 -6.73 -24.30
N GLN A 878 23.88 -6.70 -25.38
CA GLN A 878 25.19 -7.34 -25.48
C GLN A 878 26.09 -6.91 -24.31
N ASP A 879 26.06 -5.60 -23.96
CA ASP A 879 26.83 -4.99 -22.87
C ASP A 879 26.73 -5.77 -21.56
N PHE A 880 25.54 -6.39 -21.31
CA PHE A 880 25.28 -7.17 -20.10
C PHE A 880 25.79 -8.61 -20.23
N LEU A 881 25.38 -9.33 -21.31
CA LEU A 881 25.77 -10.72 -21.60
C LEU A 881 27.29 -10.90 -21.59
N ILE A 882 28.04 -9.84 -21.98
CA ILE A 882 29.50 -9.78 -22.01
C ILE A 882 30.04 -9.75 -20.58
N VAL A 883 29.34 -9.05 -19.65
CA VAL A 883 29.75 -9.02 -18.24
C VAL A 883 29.42 -10.37 -17.61
N ILE A 884 28.32 -11.00 -18.08
CA ILE A 884 27.86 -12.33 -17.65
C ILE A 884 28.98 -13.38 -17.89
N SER A 885 29.80 -13.19 -18.95
CA SER A 885 30.92 -14.06 -19.30
C SER A 885 32.30 -13.31 -19.28
N LYS A 886 32.74 -12.78 -20.46
CA LYS A 886 33.96 -12.03 -20.79
C LYS A 886 34.02 -11.73 -22.31
N GLY A 887 33.71 -12.73 -23.14
CA GLY A 887 33.72 -12.62 -24.59
C GLY A 887 32.68 -13.49 -25.27
N THR A 892 26.62 -15.65 -25.11
CA THR A 892 25.54 -16.19 -25.94
C THR A 892 25.48 -17.73 -25.87
N LYS A 893 26.66 -18.38 -25.82
CA LYS A 893 26.80 -19.83 -25.75
C LYS A 893 27.87 -20.22 -24.71
N THR A 894 27.73 -19.66 -23.48
CA THR A 894 28.63 -19.88 -22.34
C THR A 894 27.91 -20.63 -21.23
N ARG A 895 28.68 -21.25 -20.32
CA ARG A 895 28.17 -21.98 -19.15
C ARG A 895 27.47 -20.98 -18.21
N GLU A 896 27.99 -19.74 -18.18
CA GLU A 896 27.49 -18.59 -17.41
C GLU A 896 26.14 -18.16 -17.95
N PHE A 897 25.98 -18.12 -19.29
CA PHE A 897 24.70 -17.77 -19.92
C PHE A 897 23.67 -18.88 -19.77
N GLU A 898 24.13 -20.14 -19.67
CA GLU A 898 23.26 -21.31 -19.48
C GLU A 898 22.75 -21.27 -18.03
N ARG A 899 23.65 -20.99 -17.07
CA ARG A 899 23.36 -20.83 -15.64
C ARG A 899 22.40 -19.65 -15.47
N PHE A 900 22.67 -18.53 -16.20
CA PHE A 900 21.89 -17.30 -16.21
C PHE A 900 20.46 -17.56 -16.66
N GLN A 901 20.31 -18.15 -17.88
CA GLN A 901 19.01 -18.50 -18.48
C GLN A 901 18.16 -19.26 -17.49
N GLU A 902 18.77 -20.25 -16.78
CA GLU A 902 18.15 -21.10 -15.77
C GLU A 902 17.53 -20.30 -14.63
N MET A 903 18.27 -19.30 -14.10
CA MET A 903 17.84 -18.41 -13.00
C MET A 903 16.57 -17.70 -13.40
N CYS A 904 16.56 -17.15 -14.63
CA CYS A 904 15.43 -16.43 -15.20
C CYS A 904 14.20 -17.33 -15.34
N TYR A 905 14.41 -18.60 -15.77
CA TYR A 905 13.31 -19.57 -15.89
C TYR A 905 12.79 -19.92 -14.49
N LYS A 906 13.71 -20.13 -13.52
CA LYS A 906 13.41 -20.43 -12.11
C LYS A 906 12.67 -19.27 -11.42
N ALA A 907 13.09 -18.03 -11.69
CA ALA A 907 12.52 -16.79 -11.14
C ALA A 907 11.12 -16.57 -11.66
N TYR A 908 10.94 -16.76 -12.99
CA TYR A 908 9.67 -16.61 -13.67
C TYR A 908 8.63 -17.56 -13.11
N LEU A 909 9.02 -18.83 -12.89
CA LEU A 909 8.14 -19.88 -12.35
C LEU A 909 7.70 -19.65 -10.91
N ALA A 910 8.55 -18.96 -10.10
CA ALA A 910 8.29 -18.63 -8.69
C ALA A 910 7.22 -17.54 -8.55
N ILE A 911 7.31 -16.50 -9.37
CA ILE A 911 6.34 -15.40 -9.36
C ILE A 911 5.01 -15.91 -9.91
N ARG A 912 5.07 -16.84 -10.90
CA ARG A 912 3.90 -17.47 -11.50
C ARG A 912 3.13 -18.22 -10.41
N GLN A 913 3.86 -18.84 -9.43
CA GLN A 913 3.28 -19.59 -8.31
C GLN A 913 2.59 -18.65 -7.32
N HIS A 914 2.82 -17.31 -7.46
CA HIS A 914 2.28 -16.26 -6.60
C HIS A 914 1.36 -15.28 -7.31
N ALA A 915 1.11 -15.52 -8.61
CA ALA A 915 0.24 -14.73 -9.49
C ALA A 915 -1.01 -14.16 -8.83
N ASN A 916 -1.65 -14.92 -7.93
CA ASN A 916 -2.87 -14.48 -7.27
C ASN A 916 -2.63 -13.28 -6.34
N LEU A 917 -1.45 -13.23 -5.66
CA LEU A 917 -1.05 -12.13 -4.78
C LEU A 917 -0.88 -10.85 -5.58
N PHE A 918 0.02 -10.86 -6.59
CA PHE A 918 0.29 -9.69 -7.43
C PHE A 918 -0.95 -9.10 -8.10
N ILE A 919 -1.88 -9.94 -8.61
CA ILE A 919 -3.14 -9.50 -9.21
C ILE A 919 -3.89 -8.67 -8.21
N ASN A 920 -4.11 -9.21 -7.00
CA ASN A 920 -4.85 -8.54 -5.91
C ASN A 920 -4.21 -7.24 -5.46
N LEU A 921 -2.86 -7.22 -5.32
CA LEU A 921 -2.11 -6.04 -4.91
C LEU A 921 -2.28 -4.93 -5.91
N PHE A 922 -2.27 -5.28 -7.19
CA PHE A 922 -2.50 -4.35 -8.29
C PHE A 922 -3.98 -3.93 -8.30
N SER A 923 -4.91 -4.89 -8.10
CA SER A 923 -6.36 -4.68 -8.09
C SER A 923 -6.81 -3.65 -7.06
N MET A 924 -6.19 -3.64 -5.87
CA MET A 924 -6.47 -2.73 -4.75
C MET A 924 -6.04 -1.28 -5.05
N MET A 925 -5.29 -1.09 -6.16
CA MET A 925 -4.76 0.20 -6.57
C MET A 925 -5.59 0.93 -7.67
N LEU A 926 -6.64 0.27 -8.21
CA LEU A 926 -7.48 0.86 -9.27
C LEU A 926 -8.17 2.16 -8.80
N GLY A 927 -8.62 2.15 -7.55
CA GLY A 927 -9.26 3.29 -6.87
C GLY A 927 -8.32 4.45 -6.61
N SER A 928 -6.99 4.19 -6.54
CA SER A 928 -5.97 5.25 -6.44
C SER A 928 -5.99 5.92 -7.80
N GLY A 929 -5.81 7.24 -7.82
CA GLY A 929 -5.85 8.02 -9.06
C GLY A 929 -4.69 7.86 -10.02
N MET A 930 -4.21 6.63 -10.23
CA MET A 930 -3.08 6.35 -11.11
C MET A 930 -3.49 6.22 -12.59
N PRO A 931 -2.71 6.82 -13.52
CA PRO A 931 -3.06 6.76 -14.95
C PRO A 931 -3.03 5.37 -15.60
N GLU A 932 -1.93 4.60 -15.38
CA GLU A 932 -1.69 3.27 -15.97
C GLU A 932 -2.25 2.10 -15.12
N LEU A 933 -3.27 2.37 -14.28
CA LEU A 933 -3.93 1.39 -13.45
C LEU A 933 -5.32 1.93 -13.12
N GLN A 934 -6.20 1.92 -14.14
CA GLN A 934 -7.57 2.44 -14.07
C GLN A 934 -8.63 1.36 -14.23
N SER A 935 -8.33 0.36 -15.07
CA SER A 935 -9.24 -0.75 -15.41
C SER A 935 -8.62 -2.11 -15.19
N PHE A 936 -9.46 -3.16 -15.19
CA PHE A 936 -9.08 -4.56 -15.04
C PHE A 936 -8.50 -5.08 -16.37
N ASP A 937 -8.30 -4.16 -17.34
CA ASP A 937 -7.72 -4.40 -18.67
C ASP A 937 -6.22 -4.09 -18.61
N ASP A 938 -5.81 -3.32 -17.57
CA ASP A 938 -4.42 -2.98 -17.28
C ASP A 938 -3.79 -4.14 -16.50
N ILE A 939 -4.52 -4.67 -15.48
CA ILE A 939 -4.08 -5.79 -14.64
C ILE A 939 -3.98 -7.11 -15.42
N ALA A 940 -4.84 -7.31 -16.45
CA ALA A 940 -4.86 -8.50 -17.29
C ALA A 940 -3.54 -8.76 -18.00
N TYR A 941 -2.69 -7.73 -18.18
CA TYR A 941 -1.36 -7.85 -18.80
C TYR A 941 -0.47 -8.84 -18.06
N ILE A 942 -0.62 -8.90 -16.71
CA ILE A 942 0.12 -9.82 -15.82
C ILE A 942 -0.23 -11.26 -16.23
N ARG A 943 -1.50 -11.52 -16.63
CA ARG A 943 -1.98 -12.83 -17.10
C ARG A 943 -1.22 -13.28 -18.36
N LYS A 944 -0.99 -12.35 -19.32
CA LYS A 944 -0.28 -12.57 -20.59
C LYS A 944 1.21 -12.86 -20.37
N THR A 945 1.90 -12.07 -19.51
CA THR A 945 3.33 -12.27 -19.26
C THR A 945 3.61 -13.44 -18.35
N LEU A 946 2.66 -13.83 -17.47
CA LEU A 946 2.83 -14.96 -16.58
C LEU A 946 2.27 -16.27 -17.14
N ALA A 947 1.44 -16.21 -18.22
CA ALA A 947 0.76 -17.34 -18.90
C ALA A 947 0.02 -18.20 -17.88
N LEU A 948 -1.08 -17.66 -17.35
CA LEU A 948 -1.88 -18.31 -16.31
C LEU A 948 -2.73 -19.45 -16.83
N ASP A 949 -3.43 -19.22 -17.97
CA ASP A 949 -4.31 -20.18 -18.66
C ASP A 949 -3.60 -21.51 -18.96
N LYS A 950 -2.34 -21.41 -19.44
CA LYS A 950 -1.46 -22.53 -19.76
C LYS A 950 -1.03 -23.29 -18.50
N THR A 951 -0.49 -24.51 -18.66
CA THR A 951 0.05 -25.30 -17.54
C THR A 951 1.45 -24.76 -17.20
N GLU A 952 1.98 -25.08 -16.01
CA GLU A 952 3.30 -24.63 -15.55
C GLU A 952 4.41 -24.87 -16.60
N GLN A 953 4.46 -26.07 -17.22
CA GLN A 953 5.44 -26.45 -18.24
C GLN A 953 5.19 -25.72 -19.58
N GLU A 954 3.92 -25.44 -19.90
CA GLU A 954 3.49 -24.74 -21.11
C GLU A 954 3.99 -23.28 -21.10
N ALA A 955 3.94 -22.64 -19.88
CA ALA A 955 4.37 -21.26 -19.63
C ALA A 955 5.88 -21.11 -19.80
N LEU A 956 6.64 -22.17 -19.49
CA LEU A 956 8.10 -22.23 -19.64
C LEU A 956 8.44 -22.12 -21.12
N GLU A 957 7.66 -22.81 -22.00
CA GLU A 957 7.82 -22.79 -23.46
C GLU A 957 7.54 -21.37 -23.98
N TYR A 958 6.56 -20.66 -23.35
CA TYR A 958 6.19 -19.28 -23.68
C TYR A 958 7.31 -18.32 -23.28
N PHE A 959 7.76 -18.40 -22.01
CA PHE A 959 8.83 -17.55 -21.51
C PHE A 959 10.13 -17.78 -22.27
N MET A 960 10.42 -19.06 -22.60
CA MET A 960 11.60 -19.49 -23.36
C MET A 960 11.63 -18.79 -24.71
N LYS A 961 10.50 -18.82 -25.45
CA LYS A 961 10.31 -18.19 -26.78
C LYS A 961 10.56 -16.67 -26.75
N GLN A 962 9.93 -15.95 -25.80
CA GLN A 962 10.06 -14.49 -25.62
C GLN A 962 11.49 -14.11 -25.24
N MET A 963 12.15 -14.95 -24.42
CA MET A 963 13.51 -14.73 -23.94
C MET A 963 14.61 -15.08 -24.96
N ASN A 964 14.45 -16.21 -25.71
CA ASN A 964 15.41 -16.69 -26.73
C ASN A 964 15.68 -15.70 -27.87
N ASP A 965 14.88 -14.60 -27.93
CA ASP A 965 15.02 -13.51 -28.89
C ASP A 965 16.04 -12.51 -28.30
N ALA A 966 17.14 -12.25 -29.04
CA ALA A 966 18.23 -11.37 -28.63
C ALA A 966 17.97 -9.88 -28.87
C1 ZHY B . 19.18 6.45 -6.77
C2 ZHY B . 16.57 6.75 -8.19
C3 ZHY B . 17.43 8.71 -9.26
C4 ZHY B . 17.64 7.61 -8.43
C5 ZHY B . 18.97 7.36 -7.83
C6 ZHY B . 21.21 7.92 -7.73
C7 ZHY B . 15.32 6.98 -8.76
O1 ZHY B . 22.95 11.74 -12.88
O2 ZHY B . 20.92 9.96 -12.84
C9 ZHY B . 16.19 8.96 -9.82
C02 ZHY B . 23.50 10.21 -9.59
C06 ZHY B . 21.48 9.29 -10.56
C ZHY B . 21.38 7.03 -6.66
C8 ZHY B . 15.11 8.11 -9.57
C10 ZHY B . 22.38 9.39 -9.49
C03 ZHY B . 23.75 10.91 -10.76
C05 ZHY B . 21.71 10.01 -11.73
C04 ZHY B . 22.84 10.85 -11.82
C01 ZHY B . 13.75 8.44 -10.10
C13 ZHY B . 25.87 11.69 -9.97
C11 ZHY B . 19.65 9.33 -12.73
C12 ZHY B . 23.61 11.26 -14.06
N5 ZHY B . 20.37 6.28 -6.19
N ZHY B . 20.01 8.08 -8.31
N1 ZHY B . 12.70 7.78 -9.60
N8 ZHY B . 22.26 8.61 -8.32
O02 ZHY B . 13.63 9.32 -10.95
O ZHY B . 24.87 11.66 -10.99
#